data_4Z4G
#
_entry.id   4Z4G
#
_cell.length_a   55.663
_cell.length_b   117.041
_cell.length_c   70.104
_cell.angle_alpha   90.00
_cell.angle_beta   92.40
_cell.angle_gamma   90.00
#
_symmetry.space_group_name_H-M   'P 1 21 1'
#
loop_
_entity.id
_entity.type
_entity.pdbx_description
1 polymer 'Protein argonaute-2'
2 polymer "RNA (5'-R(P*UP*UP*CP*AP*CP*AP*UP*UP*GP*CP*CP*CP*AP*AP*GP*UP*CP*UP*UP*U)-3')"
3 polymer "RNA (5'-R(*CP*AP*AP*UP*GP*UP*GP*A)-D(P*(IMP))-3')"
4 non-polymer 'MAGNESIUM ION'
5 non-polymer PHENOL
6 water water
#
loop_
_entity_poly.entity_id
_entity_poly.type
_entity_poly.pdbx_seq_one_letter_code
_entity_poly.pdbx_strand_id
1 'polypeptide(L)'
;MYSGAGPALAPPAPPPPIQGYAFKPPPRPDFGTSGRTIKLQANFFEMDIPKIDIYHYELDIKPEKCPRRVNREIVEHMVQ
HFKTQIFGDRKPVFDGRKNLYTAMPLPIGRDKVELEVTLPGEGKDRIFKVSIKWVSCVSLQALHDALSGRLPSVPFETIQ
ALDVVMRHLPSMRYTPVGRSFFTASEGCSNPLGGGREVWFGFHQSVRPSLWKMMLNIDVSATAFYKAQPVIEFVCEVLDF
KSIEEQQKPLTDSQRVKFTKEIKGLKVEITHCGQMKRKYRVCNVTRRPASHQTFPLQQESGQTVECTVAQYFKDRHKLVL
RYPHLPCLQVGQEQKHTYLPLEVCNIVAGQRCIKKLTDNQTSTMIRATARSAPDRQEEISKLMRSADFNTDPYVREFGIM
VKDEMTDVTGRVLQPPSILYGGRNKAIATPVQGVWDMRNKQFHTGIEIKVWAIACFAPQRQCTEVHLKSFTEQLRKISRD
AGMPIQGQPCFCKYAQGADSVEPMFRHLKNTYAGLQLVVVILPGKTPVYAEVKRVGDTVLGMATQCVQMKNVQRTTPQTL
SNLCLKINVKLGGVNNILLPQGRPPVFQQPVIFLGADVTHPPAGDGKKPSIAAVVGSMDAHPNRYCATVRVQQHRQEIIQ
DLAAMVRELLIQFYKSTRFKPTRIIFYRDGVSEGQFQQVLHHELLAIREACIKLEKDYQPGITFIVVQKRHHTRLFCTDK
NERVGKSGNIPAGTTVDTKITHPTEFDFYLCSHAGIQGTSRPSHYHVLWDDNRFSSDELQILTYQLCHTYVRCTRSVSIP
APAYYAHLVAFRARYHLVDKEHDSAEGSHTSGQSNGRDHQALAKAVQVHQDTLRTMYFA
;
A
2 'polyribonucleotide' UUCACAUUGCCCAAGUCUCUU B
3 'polyribonucleotide' CAAUGUGA(IMP)AA D
#
# COMPACT_ATOMS: atom_id res chain seq x y z
N ALA A 22 -27.93 -6.60 -0.72
CA ALA A 22 -26.82 -5.95 -1.38
C ALA A 22 -26.05 -5.03 -0.49
N PHE A 23 -26.51 -4.83 0.74
CA PHE A 23 -25.89 -3.83 1.58
C PHE A 23 -25.24 -4.23 2.90
N LYS A 24 -25.72 -5.25 3.60
CA LYS A 24 -25.18 -5.58 4.91
C LYS A 24 -24.33 -6.84 4.98
N PRO A 25 -23.06 -6.69 5.57
CA PRO A 25 -22.25 -7.91 5.52
C PRO A 25 -22.77 -9.06 6.34
N PRO A 26 -22.50 -10.28 5.93
CA PRO A 26 -23.00 -11.47 6.63
C PRO A 26 -22.36 -11.65 8.01
N PRO A 27 -23.10 -12.26 8.95
CA PRO A 27 -22.53 -12.55 10.27
C PRO A 27 -21.51 -13.67 10.19
N ARG A 28 -20.66 -13.80 11.20
CA ARG A 28 -19.71 -14.90 11.24
C ARG A 28 -20.48 -16.22 11.35
N PRO A 29 -20.34 -17.12 10.37
CA PRO A 29 -21.11 -18.36 10.40
C PRO A 29 -20.67 -19.31 11.51
N ASP A 30 -19.39 -19.24 11.86
CA ASP A 30 -18.81 -20.13 12.85
C ASP A 30 -17.34 -19.78 13.04
N PHE A 31 -16.64 -20.56 13.84
CA PHE A 31 -15.20 -20.41 14.02
C PHE A 31 -14.47 -21.59 13.38
N GLY A 32 -13.26 -21.33 12.89
CA GLY A 32 -12.47 -22.37 12.25
C GLY A 32 -11.98 -23.39 13.26
N THR A 33 -11.71 -24.60 12.78
CA THR A 33 -11.27 -25.70 13.63
C THR A 33 -10.08 -26.44 13.02
N SER A 34 -9.64 -25.99 11.85
CA SER A 34 -8.61 -26.69 11.09
C SER A 34 -7.21 -26.23 11.48
N GLY A 35 -6.30 -27.19 11.64
CA GLY A 35 -4.90 -26.88 11.88
C GLY A 35 -4.51 -26.86 13.34
N ARG A 36 -3.26 -27.19 13.61
CA ARG A 36 -2.74 -27.22 14.96
C ARG A 36 -2.66 -25.80 15.52
N THR A 37 -2.88 -25.66 16.83
CA THR A 37 -2.90 -24.36 17.46
C THR A 37 -1.50 -23.78 17.61
N ILE A 38 -1.43 -22.46 17.76
CA ILE A 38 -0.18 -21.77 17.99
C ILE A 38 -0.42 -20.56 18.89
N LYS A 39 0.45 -20.39 19.89
CA LYS A 39 0.33 -19.26 20.81
C LYS A 39 0.89 -18.01 20.17
N LEU A 40 0.04 -16.99 20.03
CA LEU A 40 0.42 -15.74 19.39
C LEU A 40 0.24 -14.53 20.30
N GLN A 41 0.92 -13.46 19.95
CA GLN A 41 0.71 -12.16 20.57
C GLN A 41 0.45 -11.14 19.48
N ALA A 42 -0.59 -10.33 19.67
CA ALA A 42 -0.97 -9.31 18.70
C ALA A 42 -0.72 -7.94 19.31
N ASN A 43 -0.41 -6.96 18.47
CA ASN A 43 -0.18 -5.60 18.95
C ASN A 43 -1.50 -4.86 19.18
N PHE A 44 -2.47 -5.59 19.73
CA PHE A 44 -3.71 -5.02 20.24
C PHE A 44 -3.58 -4.96 21.75
N PHE A 45 -4.08 -3.89 22.35
CA PHE A 45 -4.02 -3.72 23.80
C PHE A 45 -5.41 -3.45 24.37
N GLU A 46 -5.86 -4.35 25.23
CA GLU A 46 -7.21 -4.33 25.76
C GLU A 46 -7.55 -3.02 26.48
N MET A 47 -8.73 -2.50 26.18
CA MET A 47 -9.21 -1.26 26.79
C MET A 47 -10.38 -1.55 27.73
N ASP A 48 -10.35 -0.94 28.91
CA ASP A 48 -11.46 -1.01 29.83
C ASP A 48 -12.24 0.30 29.78
N ILE A 49 -13.43 0.24 29.19
CA ILE A 49 -14.28 1.41 29.01
C ILE A 49 -15.36 1.44 30.09
N PRO A 50 -15.58 2.61 30.72
CA PRO A 50 -16.66 2.72 31.69
C PRO A 50 -18.04 2.69 31.00
N LYS A 51 -19.08 2.31 31.74
CA LYS A 51 -20.43 2.27 31.19
C LYS A 51 -21.23 3.51 31.57
N ILE A 52 -20.80 4.67 31.07
CA ILE A 52 -21.42 5.93 31.38
C ILE A 52 -21.60 6.76 30.12
N ASP A 53 -22.65 7.58 30.08
CA ASP A 53 -22.89 8.48 28.97
C ASP A 53 -21.85 9.60 28.95
N ILE A 54 -21.31 9.89 27.77
CA ILE A 54 -20.45 11.05 27.58
C ILE A 54 -21.16 12.01 26.64
N TYR A 55 -20.76 13.29 26.68
CA TYR A 55 -21.55 14.36 26.10
C TYR A 55 -20.89 14.99 24.88
N HIS A 56 -21.59 14.95 23.75
CA HIS A 56 -21.08 15.42 22.47
C HIS A 56 -21.53 16.86 22.21
N TYR A 57 -20.59 17.70 21.78
CA TYR A 57 -20.87 19.11 21.48
C TYR A 57 -20.37 19.50 20.10
N GLU A 58 -21.20 20.21 19.34
CA GLU A 58 -20.76 20.78 18.08
C GLU A 58 -20.15 22.16 18.34
N LEU A 59 -18.95 22.38 17.80
CA LEU A 59 -18.28 23.66 17.92
C LEU A 59 -18.45 24.44 16.61
N ASP A 60 -17.95 25.66 16.63
CA ASP A 60 -17.74 26.43 15.43
C ASP A 60 -16.55 27.29 15.77
N ILE A 61 -15.71 27.57 14.79
CA ILE A 61 -14.67 28.57 15.00
C ILE A 61 -14.54 29.47 13.78
N LYS A 62 -14.98 30.71 13.90
CA LYS A 62 -14.83 31.71 12.83
C LYS A 62 -13.62 32.60 13.10
N PRO A 63 -12.68 32.69 12.13
CA PRO A 63 -12.62 32.06 10.81
C PRO A 63 -12.35 30.56 10.88
N GLU A 64 -12.86 29.80 9.91
CA GLU A 64 -12.79 28.33 9.94
C GLU A 64 -11.95 27.73 8.82
N LYS A 65 -11.08 28.53 8.22
CA LYS A 65 -10.12 28.01 7.23
C LYS A 65 -8.82 27.62 7.92
N CYS A 66 -8.76 27.79 9.23
CA CYS A 66 -7.54 27.55 9.99
C CYS A 66 -7.11 26.09 9.93
N PRO A 67 -5.79 25.83 9.98
CA PRO A 67 -5.32 24.45 10.08
C PRO A 67 -5.89 23.75 11.31
N ARG A 68 -5.96 22.43 11.26
CA ARG A 68 -6.55 21.64 12.33
C ARG A 68 -5.83 21.87 13.66
N ARG A 69 -4.51 22.05 13.60
CA ARG A 69 -3.73 22.24 14.81
C ARG A 69 -3.99 23.60 15.44
N VAL A 70 -4.27 24.60 14.60
CA VAL A 70 -4.61 25.93 15.09
C VAL A 70 -5.91 25.89 15.88
N ASN A 71 -6.87 25.11 15.39
CA ASN A 71 -8.14 24.95 16.08
C ASN A 71 -7.97 24.30 17.45
N ARG A 72 -6.99 23.40 17.56
CA ARG A 72 -6.70 22.74 18.83
C ARG A 72 -6.15 23.74 19.84
N GLU A 73 -5.33 24.67 19.35
CA GLU A 73 -4.78 25.74 20.19
C GLU A 73 -5.91 26.61 20.72
N ILE A 74 -6.82 26.98 19.83
CA ILE A 74 -7.96 27.81 20.16
C ILE A 74 -8.77 27.22 21.30
N VAL A 75 -9.18 25.96 21.14
CA VAL A 75 -9.97 25.28 22.16
C VAL A 75 -9.15 25.07 23.44
N GLU A 76 -7.86 24.82 23.30
CA GLU A 76 -6.99 24.62 24.45
C GLU A 76 -6.93 25.88 25.32
N HIS A 77 -6.67 27.02 24.69
CA HIS A 77 -6.69 28.30 25.39
C HIS A 77 -8.12 28.61 25.86
N MET A 78 -9.10 28.29 25.02
CA MET A 78 -10.50 28.57 25.34
C MET A 78 -10.93 27.87 26.63
N VAL A 79 -10.46 26.64 26.83
CA VAL A 79 -10.86 25.85 27.99
C VAL A 79 -10.45 26.54 29.30
N GLN A 80 -9.22 27.02 29.37
CA GLN A 80 -8.73 27.67 30.58
C GLN A 80 -9.19 29.13 30.66
N HIS A 81 -9.25 29.80 29.51
CA HIS A 81 -9.65 31.22 29.48
C HIS A 81 -11.15 31.40 29.73
N PHE A 82 -11.82 30.26 29.92
CA PHE A 82 -13.22 30.18 30.37
C PHE A 82 -13.44 29.16 31.44
N LYS A 83 -12.41 28.86 32.22
CA LYS A 83 -12.52 27.72 33.15
C LYS A 83 -13.63 27.91 34.16
N THR A 84 -13.96 29.17 34.50
CA THR A 84 -14.84 29.51 35.67
C THR A 84 -16.38 29.20 35.84
N GLN A 85 -17.22 29.50 34.86
CA GLN A 85 -18.60 29.07 34.78
C GLN A 85 -18.85 28.32 33.48
N ILE A 86 -17.77 27.81 32.91
CA ILE A 86 -17.84 26.75 31.94
C ILE A 86 -16.59 25.93 32.20
N PHE A 87 -16.61 24.65 31.84
CA PHE A 87 -15.42 23.79 31.90
C PHE A 87 -14.71 23.57 33.22
N GLY A 88 -15.42 23.12 34.23
CA GLY A 88 -14.82 23.06 35.55
C GLY A 88 -13.53 22.26 35.54
N LYS A 91 -11.85 18.53 31.86
CA LYS A 91 -10.82 18.03 30.95
C LYS A 91 -11.44 17.42 29.70
N PRO A 92 -12.07 18.26 28.86
CA PRO A 92 -12.71 17.80 27.62
C PRO A 92 -11.70 17.44 26.53
N VAL A 93 -12.16 16.67 25.53
CA VAL A 93 -11.33 16.31 24.39
C VAL A 93 -11.94 16.88 23.12
N PHE A 94 -11.12 17.02 22.08
CA PHE A 94 -11.48 17.78 20.89
C PHE A 94 -10.80 17.21 19.64
N ASP A 95 -11.55 17.09 18.55
CA ASP A 95 -11.07 16.43 17.35
C ASP A 95 -10.42 17.39 16.35
N GLY A 96 -10.16 18.63 16.78
CA GLY A 96 -9.49 19.59 15.94
C GLY A 96 -10.38 20.23 14.88
N ARG A 97 -11.64 19.84 14.87
CA ARG A 97 -12.58 20.33 13.86
C ARG A 97 -13.86 20.88 14.50
N LYS A 98 -14.75 19.98 14.91
CA LYS A 98 -16.12 20.37 15.22
C LYS A 98 -16.72 19.61 16.41
N ASN A 99 -16.02 18.59 16.91
CA ASN A 99 -16.57 17.73 17.95
C ASN A 99 -15.79 17.79 19.26
N LEU A 100 -16.50 18.13 20.34
CA LEU A 100 -15.93 18.19 21.68
C LEU A 100 -16.67 17.21 22.59
N TYR A 101 -15.94 16.54 23.46
CA TYR A 101 -16.52 15.53 24.34
C TYR A 101 -16.15 15.75 25.81
N THR A 102 -17.12 15.53 26.69
CA THR A 102 -16.90 15.62 28.14
C THR A 102 -17.41 14.35 28.81
N ALA A 103 -16.73 13.92 29.87
CA ALA A 103 -17.14 12.75 30.63
C ALA A 103 -18.31 13.08 31.57
N MET A 104 -18.34 14.33 32.02
CA MET A 104 -19.46 14.86 32.80
C MET A 104 -20.07 16.04 32.05
N PRO A 105 -21.37 16.30 32.29
CA PRO A 105 -22.05 17.33 31.49
C PRO A 105 -21.67 18.76 31.89
N LEU A 106 -21.82 19.68 30.95
CA LEU A 106 -21.53 21.08 31.17
C LEU A 106 -22.82 21.84 31.49
N PRO A 107 -22.71 23.11 31.91
CA PRO A 107 -23.89 23.98 31.97
C PRO A 107 -24.09 24.70 30.63
N ILE A 108 -25.03 24.20 29.82
CA ILE A 108 -25.24 24.73 28.47
C ILE A 108 -26.71 24.86 28.12
N GLY A 109 -27.48 23.82 28.44
CA GLY A 109 -28.78 23.62 27.83
C GLY A 109 -28.52 22.97 26.48
N ARG A 110 -29.35 23.28 25.49
CA ARG A 110 -29.06 22.92 24.10
C ARG A 110 -28.63 24.17 23.34
N ASP A 111 -28.45 25.26 24.09
CA ASP A 111 -28.25 26.58 23.49
C ASP A 111 -26.84 26.78 22.94
N LYS A 112 -26.76 27.44 21.79
CA LYS A 112 -25.50 27.94 21.28
C LYS A 112 -25.00 29.04 22.21
N VAL A 113 -23.76 28.89 22.70
CA VAL A 113 -23.18 29.87 23.59
C VAL A 113 -21.90 30.44 22.97
N GLU A 114 -22.08 31.41 22.08
CA GLU A 114 -20.95 32.01 21.37
C GLU A 114 -19.99 32.68 22.34
N LEU A 115 -18.75 32.21 22.34
CA LEU A 115 -17.68 32.79 23.14
C LEU A 115 -16.70 33.53 22.25
N GLU A 116 -15.95 34.45 22.86
CA GLU A 116 -14.91 35.20 22.16
C GLU A 116 -13.57 34.90 22.83
N VAL A 117 -12.63 34.39 22.06
CA VAL A 117 -11.32 34.00 22.56
C VAL A 117 -10.19 34.64 21.77
N THR A 118 -9.08 34.90 22.46
CA THR A 118 -7.91 35.52 21.86
C THR A 118 -6.66 34.69 22.12
N LEU A 119 -5.91 34.45 21.04
CA LEU A 119 -4.69 33.67 21.10
C LEU A 119 -3.59 34.39 20.31
N PRO A 120 -2.34 34.34 20.79
CA PRO A 120 -1.25 34.97 20.03
C PRO A 120 -0.95 34.23 18.73
N ILE A 127 -8.26 36.56 17.86
CA ILE A 127 -9.54 37.12 17.45
C ILE A 127 -10.44 36.02 16.88
N PHE A 128 -11.01 35.21 17.76
CA PHE A 128 -11.81 34.06 17.37
C PHE A 128 -13.17 34.00 18.06
N LYS A 129 -14.19 33.62 17.28
CA LYS A 129 -15.53 33.36 17.81
C LYS A 129 -15.79 31.86 17.83
N VAL A 130 -16.00 31.31 19.03
CA VAL A 130 -16.28 29.89 19.18
C VAL A 130 -17.68 29.66 19.75
N SER A 131 -18.53 29.00 18.97
CA SER A 131 -19.88 28.67 19.39
C SER A 131 -19.93 27.24 19.94
N ILE A 132 -20.51 27.08 21.13
CA ILE A 132 -20.60 25.78 21.78
C ILE A 132 -22.05 25.33 21.92
N LYS A 133 -22.38 24.21 21.28
CA LYS A 133 -23.74 23.69 21.27
C LYS A 133 -23.77 22.19 21.51
N TRP A 134 -24.45 21.78 22.57
CA TRP A 134 -24.69 20.36 22.84
C TRP A 134 -25.47 19.73 21.69
N VAL A 135 -25.14 18.49 21.36
CA VAL A 135 -25.77 17.80 20.23
C VAL A 135 -26.37 16.45 20.64
N SER A 136 -25.63 15.65 21.39
CA SER A 136 -26.10 14.32 21.73
C SER A 136 -25.40 13.71 22.95
N CYS A 137 -26.03 12.66 23.48
CA CYS A 137 -25.44 11.86 24.54
C CYS A 137 -24.93 10.54 23.96
N VAL A 138 -23.64 10.28 24.13
CA VAL A 138 -23.03 9.05 23.64
C VAL A 138 -22.89 8.05 24.78
N SER A 139 -23.67 6.97 24.74
CA SER A 139 -23.68 5.97 25.79
C SER A 139 -22.64 4.88 25.55
N LEU A 140 -21.63 4.82 26.42
CA LEU A 140 -20.62 3.78 26.34
C LEU A 140 -21.21 2.44 26.77
N GLN A 141 -22.39 2.50 27.38
CA GLN A 141 -23.12 1.28 27.75
C GLN A 141 -23.57 0.54 26.50
N ALA A 142 -24.02 1.29 25.50
CA ALA A 142 -24.51 0.71 24.24
C ALA A 142 -23.37 0.06 23.47
N LEU A 143 -22.14 0.47 23.76
CA LEU A 143 -20.97 -0.08 23.11
C LEU A 143 -20.67 -1.47 23.69
N HIS A 144 -20.85 -1.62 24.99
CA HIS A 144 -20.66 -2.89 25.66
C HIS A 144 -21.66 -3.92 25.12
N ASP A 145 -22.86 -3.46 24.81
CA ASP A 145 -23.89 -4.31 24.24
C ASP A 145 -23.55 -4.74 22.83
N ALA A 146 -23.05 -3.80 22.03
CA ALA A 146 -22.68 -4.08 20.64
C ALA A 146 -21.50 -5.04 20.57
N LEU A 147 -20.56 -4.90 21.50
CA LEU A 147 -19.43 -5.82 21.59
C LEU A 147 -19.92 -7.20 22.04
N SER A 148 -21.02 -7.21 22.80
CA SER A 148 -21.70 -8.45 23.13
C SER A 148 -22.61 -8.83 21.98
N GLY A 149 -23.45 -9.85 22.19
CA GLY A 149 -24.40 -10.27 21.17
C GLY A 149 -25.70 -9.50 21.26
N ARG A 150 -25.77 -8.56 22.20
CA ARG A 150 -26.99 -7.80 22.45
C ARG A 150 -27.40 -6.95 21.25
N LEU A 151 -26.56 -5.99 20.88
CA LEU A 151 -26.88 -5.07 19.79
C LEU A 151 -26.38 -5.61 18.46
N PRO A 152 -27.22 -5.54 17.40
CA PRO A 152 -26.84 -6.12 16.10
C PRO A 152 -25.56 -5.56 15.48
N SER A 153 -25.34 -4.26 15.56
CA SER A 153 -24.18 -3.63 14.94
C SER A 153 -23.45 -2.68 15.89
N VAL A 154 -22.23 -2.33 15.54
CA VAL A 154 -21.41 -1.44 16.34
C VAL A 154 -21.70 0.02 15.99
N PRO A 155 -22.00 0.85 17.02
CA PRO A 155 -22.26 2.28 16.75
C PRO A 155 -20.97 3.06 16.47
N PHE A 156 -20.83 3.55 15.24
CA PHE A 156 -19.63 4.25 14.83
C PHE A 156 -19.36 5.49 15.67
N GLU A 157 -20.39 6.30 15.88
CA GLU A 157 -20.24 7.56 16.62
C GLU A 157 -19.61 7.36 17.99
N THR A 158 -19.83 6.18 18.58
CA THR A 158 -19.28 5.87 19.89
C THR A 158 -17.77 5.63 19.80
N ILE A 159 -17.36 4.82 18.84
CA ILE A 159 -15.94 4.53 18.63
C ILE A 159 -15.24 5.79 18.14
N GLN A 160 -15.97 6.61 17.40
CA GLN A 160 -15.44 7.89 16.93
C GLN A 160 -15.09 8.76 18.13
N ALA A 161 -15.94 8.70 19.17
CA ALA A 161 -15.72 9.47 20.38
C ALA A 161 -14.48 8.97 21.12
N LEU A 162 -14.40 7.66 21.32
CA LEU A 162 -13.26 7.05 22.01
C LEU A 162 -11.94 7.36 21.29
N ASP A 163 -12.00 7.47 19.98
CA ASP A 163 -10.81 7.76 19.20
C ASP A 163 -10.30 9.17 19.52
N VAL A 164 -11.22 10.11 19.66
CA VAL A 164 -10.86 11.50 19.99
C VAL A 164 -10.30 11.59 21.41
N VAL A 165 -10.79 10.73 22.29
CA VAL A 165 -10.29 10.67 23.66
C VAL A 165 -8.82 10.24 23.68
N MET A 166 -8.53 9.16 22.98
CA MET A 166 -7.17 8.60 22.97
C MET A 166 -6.19 9.44 22.17
N ARG A 167 -6.69 10.25 21.24
CA ARG A 167 -5.82 11.05 20.38
C ARG A 167 -5.60 12.47 20.86
N HIS A 168 -6.35 12.90 21.87
CA HIS A 168 -6.35 14.30 22.27
C HIS A 168 -4.96 14.80 22.65
N LEU A 169 -4.33 14.15 23.62
CA LEU A 169 -3.01 14.56 24.09
C LEU A 169 -1.93 14.47 22.99
N PRO A 170 -1.77 13.28 22.38
CA PRO A 170 -0.68 13.16 21.39
C PRO A 170 -0.86 14.06 20.16
N SER A 171 -2.07 14.54 19.90
CA SER A 171 -2.32 15.40 18.75
C SER A 171 -1.75 16.80 18.96
N MET A 172 -1.49 17.15 20.22
CA MET A 172 -0.93 18.44 20.58
C MET A 172 0.55 18.29 20.95
N ARG A 173 0.88 17.14 21.52
CA ARG A 173 2.25 16.86 21.95
C ARG A 173 3.14 16.47 20.78
N TYR A 174 2.60 15.67 19.86
CA TYR A 174 3.36 15.13 18.73
C TYR A 174 2.88 15.71 17.41
N THR A 175 3.50 15.27 16.32
CA THR A 175 3.14 15.70 14.97
C THR A 175 2.26 14.64 14.30
N PRO A 176 0.95 14.92 14.15
CA PRO A 176 0.07 13.91 13.55
C PRO A 176 0.33 13.67 12.06
N VAL A 177 0.38 12.41 11.67
CA VAL A 177 0.47 12.01 10.28
C VAL A 177 -0.46 10.83 10.04
N GLY A 178 -1.65 11.12 9.54
CA GLY A 178 -2.64 10.08 9.36
C GLY A 178 -3.21 9.66 10.69
N ARG A 179 -3.09 8.37 10.99
CA ARG A 179 -3.52 7.82 12.28
C ARG A 179 -2.31 7.61 13.19
N SER A 180 -1.19 8.20 12.81
CA SER A 180 0.06 8.04 13.56
C SER A 180 0.51 9.36 14.20
N PHE A 181 1.57 9.27 14.98
CA PHE A 181 2.17 10.41 15.66
C PHE A 181 3.68 10.28 15.59
N PHE A 182 4.35 11.36 15.21
CA PHE A 182 5.81 11.35 15.05
C PHE A 182 6.46 12.45 15.86
N THR A 183 7.70 12.21 16.27
CA THR A 183 8.46 13.18 17.05
C THR A 183 9.96 12.95 16.89
N ALA A 184 10.75 14.00 17.09
CA ALA A 184 12.19 13.86 17.05
C ALA A 184 12.66 13.03 18.24
N SER A 185 13.34 11.92 17.97
CA SER A 185 13.78 11.03 19.03
C SER A 185 14.83 11.71 19.91
N GLU A 186 14.63 11.61 21.22
CA GLU A 186 15.49 12.29 22.18
C GLU A 186 16.87 11.64 22.26
N GLY A 187 17.92 12.44 22.19
CA GLY A 187 19.28 11.95 22.35
C GLY A 187 19.88 11.34 21.10
N CYS A 188 19.03 10.98 20.14
CA CYS A 188 19.48 10.35 18.90
C CYS A 188 19.27 11.30 17.72
N SER A 189 20.05 11.10 16.67
CA SER A 189 19.89 11.84 15.42
C SER A 189 20.12 10.89 14.24
N ASN A 190 19.12 10.80 13.37
CA ASN A 190 19.19 9.95 12.18
C ASN A 190 19.14 10.79 10.92
N PRO A 191 20.27 11.42 10.56
CA PRO A 191 20.30 12.25 9.36
C PRO A 191 20.17 11.44 8.08
N LEU A 192 19.47 12.01 7.10
CA LEU A 192 19.33 11.39 5.79
C LEU A 192 20.14 12.14 4.75
N GLY A 193 20.54 13.36 5.10
CA GLY A 193 21.20 14.25 4.15
C GLY A 193 20.14 15.03 3.40
N GLY A 194 20.56 16.08 2.70
CA GLY A 194 19.63 16.93 1.98
C GLY A 194 18.73 17.70 2.91
N GLY A 195 19.16 17.84 4.17
CA GLY A 195 18.41 18.57 5.17
C GLY A 195 17.26 17.77 5.74
N ARG A 196 17.37 16.44 5.65
CA ARG A 196 16.32 15.54 6.09
C ARG A 196 16.83 14.57 7.14
N GLU A 197 15.92 14.05 7.96
CA GLU A 197 16.26 13.11 9.01
C GLU A 197 15.08 12.19 9.32
N VAL A 198 15.37 11.08 9.99
CA VAL A 198 14.33 10.11 10.33
C VAL A 198 13.69 10.43 11.68
N TRP A 199 12.37 10.59 11.66
CA TRP A 199 11.58 10.68 12.87
C TRP A 199 10.87 9.37 13.14
N PHE A 200 11.03 8.83 14.33
CA PHE A 200 10.31 7.63 14.73
C PHE A 200 8.96 8.03 15.29
N GLY A 201 8.00 7.12 15.23
CA GLY A 201 6.66 7.39 15.72
C GLY A 201 5.89 6.13 15.97
N PHE A 202 4.57 6.26 16.04
CA PHE A 202 3.70 5.10 16.23
C PHE A 202 2.31 5.33 15.65
N HIS A 203 1.70 4.26 15.18
CA HIS A 203 0.30 4.27 14.76
C HIS A 203 -0.61 4.01 15.96
N GLN A 204 -1.79 4.64 15.96
CA GLN A 204 -2.77 4.43 17.01
C GLN A 204 -4.18 4.38 16.44
N SER A 205 -4.95 3.38 16.86
CA SER A 205 -6.32 3.26 16.42
C SER A 205 -7.15 2.48 17.43
N VAL A 206 -8.39 2.91 17.60
CA VAL A 206 -9.34 2.25 18.49
C VAL A 206 -10.20 1.30 17.67
N ARG A 207 -10.24 0.04 18.08
CA ARG A 207 -10.95 -1.00 17.33
C ARG A 207 -11.84 -1.85 18.23
N PRO A 208 -13.05 -2.18 17.75
CA PRO A 208 -13.88 -3.15 18.48
C PRO A 208 -13.43 -4.57 18.17
N SER A 209 -13.74 -5.52 19.03
CA SER A 209 -13.37 -6.91 18.78
C SER A 209 -14.31 -7.89 19.47
N LEU A 210 -14.06 -9.17 19.26
CA LEU A 210 -14.86 -10.21 19.86
C LEU A 210 -14.76 -10.18 21.38
N TRP A 211 -13.61 -9.70 21.87
CA TRP A 211 -13.33 -9.68 23.30
C TRP A 211 -13.71 -8.32 23.91
N LYS A 212 -12.84 -7.33 23.74
CA LYS A 212 -13.07 -5.99 24.27
C LYS A 212 -12.80 -4.95 23.20
N MET A 213 -12.84 -3.67 23.60
CA MET A 213 -12.24 -2.63 22.78
C MET A 213 -10.75 -2.86 22.80
N MET A 214 -10.09 -2.56 21.69
CA MET A 214 -8.65 -2.76 21.55
C MET A 214 -7.96 -1.49 21.09
N LEU A 215 -6.81 -1.20 21.70
CA LEU A 215 -5.94 -0.15 21.22
C LEU A 215 -4.84 -0.77 20.37
N ASN A 216 -4.92 -0.54 19.06
CA ASN A 216 -3.93 -1.07 18.14
C ASN A 216 -2.78 -0.11 17.99
N ILE A 217 -1.59 -0.58 18.39
CA ILE A 217 -0.38 0.23 18.40
C ILE A 217 0.73 -0.44 17.61
N ASP A 218 1.33 0.30 16.68
CA ASP A 218 2.49 -0.19 15.94
C ASP A 218 3.49 0.95 15.79
N VAL A 219 4.78 0.62 15.78
CA VAL A 219 5.82 1.63 15.59
C VAL A 219 6.03 1.90 14.11
N SER A 220 6.45 3.11 13.79
CA SER A 220 6.74 3.47 12.41
C SER A 220 7.77 4.61 12.37
N ALA A 221 8.26 4.90 11.17
CA ALA A 221 9.23 5.97 10.97
C ALA A 221 9.01 6.62 9.62
N THR A 222 9.20 7.93 9.56
CA THR A 222 9.07 8.67 8.31
C THR A 222 10.05 9.85 8.28
N ALA A 223 10.29 10.39 7.10
CA ALA A 223 11.27 11.46 6.91
C ALA A 223 10.70 12.82 7.29
N PHE A 224 11.53 13.63 7.94
CA PHE A 224 11.19 15.01 8.27
C PHE A 224 12.35 15.94 7.90
N TYR A 225 12.04 17.20 7.63
CA TYR A 225 13.06 18.21 7.44
C TYR A 225 13.59 18.66 8.80
N LYS A 226 14.91 18.83 8.91
CA LYS A 226 15.50 19.23 10.18
C LYS A 226 15.20 20.70 10.46
N ALA A 227 14.92 21.00 11.73
CA ALA A 227 14.72 22.39 12.13
C ALA A 227 16.06 23.07 12.33
N GLN A 228 16.68 23.42 11.21
CA GLN A 228 18.00 24.04 11.19
C GLN A 228 17.93 25.40 10.51
N PRO A 229 18.95 26.24 10.69
CA PRO A 229 18.98 27.48 9.90
C PRO A 229 19.00 27.17 8.40
N VAL A 230 18.31 28.00 7.62
CA VAL A 230 18.27 27.81 6.17
C VAL A 230 19.67 27.77 5.58
N ILE A 231 20.56 28.55 6.17
CA ILE A 231 21.97 28.57 5.77
C ILE A 231 22.57 27.16 5.74
N GLU A 232 22.26 26.35 6.76
CA GLU A 232 22.78 25.00 6.83
C GLU A 232 21.95 24.02 6.00
N PHE A 233 20.72 24.40 5.69
CA PHE A 233 19.88 23.61 4.78
C PHE A 233 20.49 23.65 3.38
N VAL A 234 20.98 24.82 2.99
CA VAL A 234 21.65 24.99 1.71
C VAL A 234 22.85 24.06 1.58
N CYS A 235 23.65 23.99 2.63
CA CYS A 235 24.89 23.24 2.62
C CYS A 235 24.69 21.75 2.34
N GLU A 236 23.67 21.15 2.95
CA GLU A 236 23.40 19.72 2.74
C GLU A 236 22.84 19.49 1.35
N VAL A 237 21.98 20.41 0.91
CA VAL A 237 21.36 20.32 -0.41
C VAL A 237 22.38 20.52 -1.52
N LEU A 238 23.33 21.44 -1.30
CA LEU A 238 24.37 21.75 -2.28
C LEU A 238 25.69 21.03 -1.99
N ASP A 239 25.70 20.25 -0.90
CA ASP A 239 26.85 19.42 -0.55
C ASP A 239 28.08 20.26 -0.18
N PHE A 240 27.85 21.38 0.50
CA PHE A 240 28.92 22.19 1.06
C PHE A 240 29.29 21.70 2.46
N LYS A 241 30.58 21.54 2.73
CA LYS A 241 31.04 21.20 4.08
C LYS A 241 30.68 22.34 5.04
N SER A 242 30.80 23.56 4.54
CA SER A 242 30.49 24.76 5.31
C SER A 242 30.32 25.92 4.33
N ILE A 243 29.56 26.94 4.73
CA ILE A 243 29.35 28.08 3.86
C ILE A 243 30.63 28.92 3.87
N GLU A 244 30.75 29.80 2.88
CA GLU A 244 32.01 30.45 2.48
C GLU A 244 32.81 29.45 1.63
N GLU A 245 32.12 28.40 1.17
CA GLU A 245 32.66 27.47 0.19
C GLU A 245 31.76 27.47 -1.05
N GLN A 246 31.80 28.51 -1.88
CA GLN A 246 32.66 29.68 -1.70
C GLN A 246 31.82 30.93 -1.39
N GLN A 247 32.42 32.10 -1.52
CA GLN A 247 31.78 33.36 -1.18
C GLN A 247 31.24 34.06 -2.42
N LYS A 248 31.15 33.34 -3.53
CA LYS A 248 30.55 33.87 -4.75
C LYS A 248 29.08 33.48 -4.82
N PRO A 249 28.25 34.33 -5.43
CA PRO A 249 26.83 33.96 -5.65
C PRO A 249 26.70 32.62 -6.36
N LEU A 250 25.68 31.84 -5.98
CA LEU A 250 25.51 30.49 -6.48
C LEU A 250 25.37 30.47 -8.00
N THR A 251 25.85 29.40 -8.62
CA THR A 251 25.61 29.19 -10.04
C THR A 251 24.11 28.96 -10.22
N ASP A 252 23.61 29.23 -11.41
CA ASP A 252 22.19 29.01 -11.70
C ASP A 252 21.81 27.53 -11.44
N SER A 253 22.77 26.64 -11.65
CA SER A 253 22.56 25.21 -11.40
C SER A 253 22.49 24.90 -9.91
N GLN A 254 23.20 25.69 -9.11
CA GLN A 254 23.13 25.57 -7.67
C GLN A 254 21.85 26.20 -7.14
N ARG A 255 21.46 27.33 -7.75
CA ARG A 255 20.27 28.05 -7.32
C ARG A 255 18.99 27.29 -7.68
N VAL A 256 19.02 26.56 -8.78
CA VAL A 256 17.81 25.85 -9.22
C VAL A 256 17.56 24.62 -8.34
N LYS A 257 18.63 23.91 -7.98
CA LYS A 257 18.48 22.73 -7.14
C LYS A 257 18.01 23.11 -5.74
N PHE A 258 18.54 24.21 -5.22
CA PHE A 258 18.17 24.68 -3.88
C PHE A 258 16.72 25.17 -3.85
N THR A 259 16.29 25.80 -4.93
CA THR A 259 14.93 26.34 -4.99
C THR A 259 13.90 25.22 -4.98
N LYS A 260 14.25 24.10 -5.61
CA LYS A 260 13.34 22.96 -5.71
C LYS A 260 13.10 22.32 -4.35
N GLU A 261 14.11 22.38 -3.49
CA GLU A 261 14.05 21.71 -2.19
C GLU A 261 13.29 22.52 -1.15
N ILE A 262 13.52 23.84 -1.13
CA ILE A 262 12.98 24.68 -0.07
C ILE A 262 11.62 25.31 -0.43
N LYS A 263 11.25 25.26 -1.70
CA LYS A 263 9.96 25.83 -2.12
C LYS A 263 8.81 24.99 -1.57
N GLY A 264 7.85 25.66 -0.96
CA GLY A 264 6.71 24.99 -0.34
C GLY A 264 6.97 24.70 1.13
N LEU A 265 8.23 24.80 1.55
CA LEU A 265 8.57 24.61 2.95
C LEU A 265 8.30 25.88 3.74
N LYS A 266 8.00 25.72 5.02
CA LYS A 266 7.81 26.85 5.90
C LYS A 266 9.11 27.23 6.59
N VAL A 267 9.30 28.52 6.83
CA VAL A 267 10.47 29.02 7.55
C VAL A 267 10.03 30.07 8.56
N GLU A 268 10.80 30.20 9.64
CA GLU A 268 10.48 31.13 10.72
C GLU A 268 11.64 32.10 11.00
N ILE A 269 11.34 33.17 11.74
CA ILE A 269 12.28 34.24 11.96
C ILE A 269 13.31 33.88 13.04
N LYS A 276 9.05 33.47 15.80
CA LYS A 276 7.97 34.35 16.21
C LYS A 276 6.91 34.44 15.12
N ARG A 277 7.37 34.56 13.89
CA ARG A 277 6.49 34.63 12.72
C ARG A 277 6.94 33.66 11.63
N LYS A 278 5.97 32.90 11.10
CA LYS A 278 6.25 31.85 10.13
C LYS A 278 5.70 32.19 8.74
N TYR A 279 6.49 31.86 7.72
CA TYR A 279 6.10 32.03 6.33
C TYR A 279 6.30 30.73 5.56
N ARG A 280 5.62 30.59 4.42
CA ARG A 280 5.90 29.52 3.48
C ARG A 280 6.65 30.06 2.26
N VAL A 281 7.72 29.36 1.88
CA VAL A 281 8.57 29.80 0.78
C VAL A 281 7.96 29.45 -0.58
N CYS A 282 7.91 30.45 -1.47
CA CYS A 282 7.31 30.27 -2.79
C CYS A 282 8.34 30.44 -3.90
N ASN A 283 9.47 31.10 -3.60
CA ASN A 283 10.50 31.33 -4.60
C ASN A 283 11.82 31.79 -4.00
N VAL A 284 12.92 31.42 -4.67
CA VAL A 284 14.25 31.93 -4.33
C VAL A 284 14.66 32.96 -5.39
N THR A 285 14.95 34.18 -4.94
CA THR A 285 15.31 35.27 -5.85
C THR A 285 16.53 34.92 -6.68
N ARG A 286 16.64 35.56 -7.85
CA ARG A 286 17.77 35.36 -8.74
C ARG A 286 18.98 36.15 -8.25
N ARG A 287 18.74 37.36 -7.79
CA ARG A 287 19.82 38.27 -7.39
C ARG A 287 20.18 38.10 -5.92
N PRO A 288 21.47 38.33 -5.58
CA PRO A 288 21.89 38.28 -4.17
C PRO A 288 21.16 39.30 -3.30
N ALA A 289 21.27 39.16 -1.98
CA ALA A 289 20.60 40.06 -1.05
C ALA A 289 21.13 41.48 -1.17
N SER A 290 22.37 41.62 -1.62
CA SER A 290 23.01 42.93 -1.76
C SER A 290 22.44 43.73 -2.92
N HIS A 291 21.99 43.04 -3.96
CA HIS A 291 21.48 43.68 -5.16
C HIS A 291 19.96 43.62 -5.26
N GLN A 292 19.37 42.54 -4.73
CA GLN A 292 17.92 42.33 -4.78
C GLN A 292 17.17 43.52 -4.19
N THR A 293 16.51 44.29 -5.05
CA THR A 293 15.83 45.52 -4.64
C THR A 293 14.30 45.36 -4.61
N PHE A 294 13.66 46.22 -3.83
CA PHE A 294 12.20 46.22 -3.72
C PHE A 294 11.70 47.65 -3.49
N CYS A 306 15.11 49.91 -2.94
CA CYS A 306 15.84 49.56 -1.72
C CYS A 306 16.24 48.09 -1.74
N THR A 307 17.54 47.82 -1.60
CA THR A 307 18.05 46.45 -1.64
C THR A 307 17.70 45.74 -0.34
N VAL A 308 17.62 44.41 -0.39
CA VAL A 308 17.31 43.63 0.80
C VAL A 308 18.39 43.83 1.87
N ALA A 309 19.65 43.80 1.44
CA ALA A 309 20.76 44.02 2.35
C ALA A 309 20.65 45.39 2.99
N GLN A 310 20.37 46.41 2.18
CA GLN A 310 20.25 47.78 2.68
C GLN A 310 19.10 47.89 3.69
N TYR A 311 17.96 47.33 3.33
CA TYR A 311 16.76 47.39 4.17
C TYR A 311 17.02 46.88 5.59
N PHE A 312 17.79 45.81 5.69
CA PHE A 312 18.08 45.19 6.99
C PHE A 312 19.15 45.96 7.77
N LYS A 313 19.94 46.77 7.08
CA LYS A 313 20.98 47.55 7.74
C LYS A 313 20.40 48.74 8.50
N ASP A 314 19.43 49.43 7.91
CA ASP A 314 18.88 50.64 8.51
C ASP A 314 17.80 50.31 9.55
N ARG A 315 16.80 49.54 9.13
CA ARG A 315 15.64 49.27 9.98
C ARG A 315 15.94 48.32 11.13
N HIS A 316 16.48 47.15 10.82
CA HIS A 316 16.68 46.10 11.83
C HIS A 316 18.12 46.07 12.33
N LYS A 317 18.96 46.95 11.80
CA LYS A 317 20.32 47.14 12.32
C LYS A 317 21.16 45.87 12.19
N LEU A 318 20.86 45.05 11.18
CA LEU A 318 21.58 43.81 10.92
C LEU A 318 22.43 43.91 9.66
N VAL A 319 23.71 43.57 9.80
CA VAL A 319 24.63 43.49 8.66
C VAL A 319 24.79 42.04 8.24
N LEU A 320 24.29 41.70 7.06
CA LEU A 320 24.29 40.33 6.58
C LEU A 320 25.69 39.80 6.37
N ARG A 321 25.94 38.59 6.87
CA ARG A 321 27.27 37.97 6.82
C ARG A 321 27.55 37.33 5.45
N TYR A 322 26.48 37.00 4.73
CA TYR A 322 26.59 36.41 3.40
C TYR A 322 25.65 37.11 2.43
N PRO A 323 25.98 38.37 2.05
CA PRO A 323 25.13 39.14 1.14
C PRO A 323 25.09 38.57 -0.27
N HIS A 324 26.10 37.78 -0.62
CA HIS A 324 26.23 37.21 -1.96
C HIS A 324 25.20 36.11 -2.23
N LEU A 325 24.50 35.68 -1.19
CA LEU A 325 23.50 34.63 -1.33
C LEU A 325 22.11 35.21 -1.64
N PRO A 326 21.28 34.45 -2.38
CA PRO A 326 19.94 34.92 -2.72
C PRO A 326 19.01 34.98 -1.50
N CYS A 327 17.78 35.42 -1.72
CA CYS A 327 16.79 35.53 -0.65
C CYS A 327 15.59 34.62 -0.91
N LEU A 328 14.87 34.29 0.16
CA LEU A 328 13.66 33.50 0.07
C LEU A 328 12.45 34.42 -0.11
N GLN A 329 11.76 34.31 -1.23
CA GLN A 329 10.48 34.98 -1.38
C GLN A 329 9.43 34.17 -0.64
N VAL A 330 8.73 34.83 0.29
CA VAL A 330 7.78 34.15 1.16
C VAL A 330 6.42 34.81 1.14
N GLY A 331 5.41 34.07 1.58
CA GLY A 331 4.04 34.55 1.62
C GLY A 331 3.36 34.41 0.27
N GLN A 332 2.65 35.46 -0.14
CA GLN A 332 1.97 35.46 -1.42
C GLN A 332 2.96 35.64 -2.56
N GLU A 333 2.88 34.74 -3.54
CA GLU A 333 3.78 34.77 -4.69
C GLU A 333 3.70 36.10 -5.45
N GLN A 334 2.58 36.81 -5.31
CA GLN A 334 2.34 38.05 -6.04
C GLN A 334 2.69 39.29 -5.21
N LYS A 335 3.51 39.11 -4.18
CA LYS A 335 4.03 40.21 -3.40
C LYS A 335 5.55 40.14 -3.33
N HIS A 336 6.16 41.08 -2.64
CA HIS A 336 7.63 41.24 -2.66
C HIS A 336 8.22 41.15 -1.25
N THR A 337 7.89 40.08 -0.55
CA THR A 337 8.48 39.80 0.76
C THR A 337 9.63 38.81 0.59
N TYR A 338 10.85 39.30 0.83
CA TYR A 338 12.07 38.53 0.65
C TYR A 338 12.86 38.47 1.95
N LEU A 339 13.17 37.25 2.39
CA LEU A 339 13.93 37.03 3.62
C LEU A 339 15.33 36.53 3.30
N PRO A 340 16.37 37.13 3.93
CA PRO A 340 17.70 36.56 3.77
C PRO A 340 17.81 35.16 4.38
N LEU A 341 18.69 34.32 3.84
CA LEU A 341 18.83 32.95 4.33
C LEU A 341 19.31 32.92 5.78
N GLU A 342 20.05 33.94 6.18
CA GLU A 342 20.73 33.96 7.47
C GLU A 342 19.76 34.09 8.65
N VAL A 343 18.65 34.78 8.44
CA VAL A 343 17.69 35.06 9.51
C VAL A 343 16.52 34.07 9.51
N CYS A 344 16.65 32.98 8.77
CA CYS A 344 15.57 32.00 8.63
C CYS A 344 15.97 30.61 9.09
N ASN A 345 15.03 29.96 9.80
CA ASN A 345 15.17 28.56 10.18
C ASN A 345 14.04 27.76 9.56
N ILE A 346 14.34 26.55 9.11
CA ILE A 346 13.29 25.61 8.74
C ILE A 346 12.50 25.29 10.00
N VAL A 347 11.18 25.44 9.96
CA VAL A 347 10.38 25.23 11.15
C VAL A 347 10.22 23.73 11.38
N ALA A 348 10.23 23.32 12.64
CA ALA A 348 10.21 21.91 13.00
C ALA A 348 8.88 21.26 12.68
N GLY A 349 8.91 19.97 12.40
CA GLY A 349 7.69 19.17 12.25
C GLY A 349 7.07 19.27 10.87
N GLN A 350 7.91 19.37 9.84
CA GLN A 350 7.46 19.33 8.46
C GLN A 350 7.90 18.03 7.79
N ARG A 351 6.92 17.17 7.50
CA ARG A 351 7.22 15.88 6.89
C ARG A 351 7.69 16.05 5.46
N CYS A 352 8.65 15.23 5.05
CA CYS A 352 9.14 15.22 3.68
C CYS A 352 8.17 14.44 2.79
N ILE A 353 7.50 15.15 1.90
CA ILE A 353 6.51 14.56 1.00
C ILE A 353 7.18 14.04 -0.27
N LYS A 354 8.20 14.74 -0.74
CA LYS A 354 8.92 14.34 -1.94
C LYS A 354 9.54 12.96 -1.77
N LYS A 355 9.81 12.29 -2.89
CA LYS A 355 10.48 11.00 -2.86
C LYS A 355 11.90 11.17 -2.30
N LEU A 356 12.37 10.15 -1.60
CA LEU A 356 13.74 10.15 -1.11
C LEU A 356 14.68 9.71 -2.23
N THR A 357 15.95 10.09 -2.13
CA THR A 357 16.95 9.64 -3.08
C THR A 357 17.24 8.16 -2.86
N ASP A 358 18.00 7.57 -3.76
CA ASP A 358 18.38 6.17 -3.62
C ASP A 358 19.18 5.99 -2.33
N ASN A 359 20.13 6.88 -2.09
CA ASN A 359 20.96 6.81 -0.89
C ASN A 359 20.14 7.08 0.36
N GLN A 360 19.24 8.05 0.29
CA GLN A 360 18.37 8.37 1.43
C GLN A 360 17.48 7.19 1.78
N THR A 361 16.93 6.54 0.75
CA THR A 361 16.11 5.36 0.96
C THR A 361 16.93 4.28 1.63
N SER A 362 18.14 4.04 1.12
CA SER A 362 19.04 3.03 1.66
C SER A 362 19.32 3.26 3.14
N THR A 363 19.50 4.54 3.51
CA THR A 363 19.74 4.91 4.89
C THR A 363 18.50 4.65 5.73
N MET A 364 17.34 5.03 5.19
CA MET A 364 16.06 4.83 5.86
C MET A 364 15.80 3.36 6.17
N ILE A 365 16.11 2.49 5.21
CA ILE A 365 15.92 1.06 5.39
C ILE A 365 16.77 0.52 6.54
N ARG A 366 18.06 0.83 6.53
CA ARG A 366 18.97 0.35 7.56
C ARG A 366 18.54 0.82 8.95
N ALA A 367 18.01 2.04 9.02
CA ALA A 367 17.67 2.66 10.28
C ALA A 367 16.41 2.06 10.92
N THR A 368 15.55 1.44 10.11
CA THR A 368 14.24 0.98 10.58
C THR A 368 13.98 -0.50 10.39
N ALA A 369 14.91 -1.21 9.75
CA ALA A 369 14.75 -2.65 9.54
C ALA A 369 14.81 -3.40 10.87
N ARG A 370 13.82 -4.24 11.12
CA ARG A 370 13.71 -4.96 12.38
C ARG A 370 13.08 -6.34 12.20
N SER A 371 13.74 -7.37 12.74
CA SER A 371 13.17 -8.70 12.77
C SER A 371 11.88 -8.71 13.58
N ALA A 372 11.11 -9.79 13.50
CA ALA A 372 9.81 -9.85 14.17
C ALA A 372 9.95 -9.71 15.69
N PRO A 373 10.91 -10.41 16.31
CA PRO A 373 11.07 -10.22 17.75
C PRO A 373 11.51 -8.81 18.12
N ASP A 374 12.41 -8.23 17.32
CA ASP A 374 12.89 -6.88 17.57
C ASP A 374 11.74 -5.88 17.48
N ARG A 375 10.89 -6.01 16.47
CA ARG A 375 9.73 -5.14 16.34
C ARG A 375 8.81 -5.33 17.53
N GLN A 376 8.58 -6.59 17.89
CA GLN A 376 7.72 -6.94 19.01
C GLN A 376 8.17 -6.20 20.27
N GLU A 377 9.47 -6.21 20.53
CA GLU A 377 10.01 -5.58 21.73
C GLU A 377 9.90 -4.05 21.64
N GLU A 378 10.03 -3.50 20.44
CA GLU A 378 9.94 -2.05 20.26
C GLU A 378 8.51 -1.55 20.47
N ILE A 379 7.53 -2.38 20.12
CA ILE A 379 6.14 -2.04 20.38
C ILE A 379 5.91 -2.09 21.89
N SER A 380 6.39 -3.15 22.51
CA SER A 380 6.22 -3.35 23.96
C SER A 380 6.89 -2.23 24.75
N LYS A 381 8.14 -1.93 24.40
CA LYS A 381 8.88 -0.86 25.08
C LYS A 381 8.15 0.46 24.95
N LEU A 382 7.58 0.71 23.78
CA LEU A 382 6.86 1.96 23.52
C LEU A 382 5.65 2.10 24.43
N MET A 383 4.87 1.03 24.54
CA MET A 383 3.63 1.07 25.31
C MET A 383 3.89 1.26 26.80
N ARG A 384 4.97 0.68 27.29
CA ARG A 384 5.35 0.86 28.68
C ARG A 384 5.74 2.32 28.93
N SER A 385 6.45 2.92 27.98
CA SER A 385 6.90 4.30 28.11
C SER A 385 5.80 5.30 27.74
N ALA A 386 4.83 4.85 26.94
CA ALA A 386 3.72 5.70 26.54
C ALA A 386 2.88 6.08 27.75
N ASP A 387 2.52 5.08 28.55
CA ASP A 387 1.79 5.29 29.79
C ASP A 387 0.46 6.01 29.52
N PHE A 388 -0.43 5.34 28.80
CA PHE A 388 -1.70 5.91 28.39
C PHE A 388 -2.62 6.18 29.59
N ASN A 389 -2.34 5.56 30.72
CA ASN A 389 -3.22 5.63 31.87
C ASN A 389 -2.96 6.83 32.78
N THR A 390 -1.92 7.59 32.48
CA THR A 390 -1.64 8.83 33.20
C THR A 390 -2.14 10.01 32.39
N ASP A 391 -2.38 9.78 31.10
CA ASP A 391 -2.97 10.78 30.23
C ASP A 391 -4.22 11.36 30.90
N PRO A 392 -4.17 12.67 31.28
CA PRO A 392 -5.27 13.25 32.05
C PRO A 392 -6.62 13.19 31.31
N TYR A 393 -6.57 13.22 29.98
CA TYR A 393 -7.78 13.20 29.18
C TYR A 393 -8.33 11.77 29.06
N VAL A 394 -7.44 10.80 28.93
CA VAL A 394 -7.83 9.40 28.97
C VAL A 394 -8.46 9.09 30.32
N ARG A 395 -7.92 9.73 31.35
CA ARG A 395 -8.33 9.45 32.72
C ARG A 395 -9.61 10.20 33.10
N GLU A 396 -9.84 11.35 32.46
CA GLU A 396 -11.10 12.06 32.64
C GLU A 396 -12.26 11.15 32.25
N PHE A 397 -12.06 10.39 31.17
CA PHE A 397 -13.09 9.50 30.66
C PHE A 397 -12.95 8.09 31.24
N GLY A 398 -12.16 7.98 32.31
CA GLY A 398 -12.08 6.75 33.09
C GLY A 398 -11.65 5.51 32.33
N ILE A 399 -10.85 5.71 31.29
CA ILE A 399 -10.40 4.61 30.44
C ILE A 399 -9.08 4.05 30.95
N MET A 400 -8.96 2.72 30.94
CA MET A 400 -7.74 2.04 31.31
C MET A 400 -7.24 1.20 30.12
N VAL A 401 -5.93 1.24 29.88
CA VAL A 401 -5.32 0.50 28.78
C VAL A 401 -4.31 -0.52 29.30
N LYS A 402 -4.47 -1.76 28.88
CA LYS A 402 -3.55 -2.83 29.23
C LYS A 402 -2.19 -2.58 28.60
N ASP A 403 -1.12 -2.85 29.35
CA ASP A 403 0.23 -2.53 28.90
C ASP A 403 0.93 -3.73 28.24
N GLU A 404 0.28 -4.88 28.26
CA GLU A 404 0.81 -6.07 27.60
C GLU A 404 0.02 -6.42 26.33
N MET A 405 0.73 -6.94 25.34
CA MET A 405 0.10 -7.42 24.12
C MET A 405 -0.93 -8.48 24.44
N THR A 406 -2.03 -8.49 23.69
CA THR A 406 -3.07 -9.48 23.87
C THR A 406 -2.59 -10.85 23.41
N ASP A 407 -2.98 -11.88 24.16
CA ASP A 407 -2.72 -13.26 23.76
C ASP A 407 -3.86 -13.76 22.90
N VAL A 408 -3.52 -14.38 21.78
CA VAL A 408 -4.50 -14.89 20.83
C VAL A 408 -4.02 -16.23 20.31
N THR A 409 -4.93 -17.19 20.21
CA THR A 409 -4.59 -18.51 19.70
C THR A 409 -4.91 -18.59 18.22
N GLY A 410 -3.89 -18.92 17.44
CA GLY A 410 -4.05 -19.10 16.01
C GLY A 410 -4.07 -20.57 15.68
N ARG A 411 -4.31 -20.88 14.41
CA ARG A 411 -4.21 -22.24 13.89
C ARG A 411 -3.33 -22.23 12.65
N VAL A 412 -2.43 -23.20 12.54
CA VAL A 412 -1.56 -23.30 11.38
C VAL A 412 -2.14 -24.32 10.40
N LEU A 413 -2.78 -23.80 9.36
CA LEU A 413 -3.43 -24.64 8.36
C LEU A 413 -2.41 -25.52 7.63
N GLN A 414 -2.85 -26.70 7.23
CA GLN A 414 -2.01 -27.61 6.46
C GLN A 414 -1.96 -27.10 5.02
N PRO A 415 -0.77 -27.13 4.40
CA PRO A 415 -0.70 -26.69 3.00
C PRO A 415 -1.29 -27.72 2.05
N PRO A 416 -1.73 -27.28 0.87
CA PRO A 416 -2.17 -28.26 -0.13
C PRO A 416 -0.97 -28.91 -0.81
N SER A 417 -1.18 -30.11 -1.36
CA SER A 417 -0.15 -30.75 -2.15
C SER A 417 -0.23 -30.23 -3.59
N ILE A 418 0.93 -29.97 -4.18
CA ILE A 418 1.01 -29.41 -5.52
C ILE A 418 1.31 -30.49 -6.54
N LEU A 419 0.35 -30.71 -7.44
CA LEU A 419 0.48 -31.77 -8.44
C LEU A 419 1.20 -31.28 -9.68
N TYR A 420 2.21 -32.03 -10.10
CA TYR A 420 2.96 -31.73 -11.31
C TYR A 420 2.61 -32.74 -12.41
N GLY A 421 3.35 -32.67 -13.51
CA GLY A 421 3.08 -33.51 -14.67
C GLY A 421 4.26 -34.39 -15.04
N GLY A 422 4.43 -34.61 -16.33
CA GLY A 422 5.44 -35.53 -16.82
C GLY A 422 4.93 -36.93 -16.69
N ARG A 423 5.85 -37.90 -16.73
CA ARG A 423 5.48 -39.29 -16.62
C ARG A 423 5.18 -39.66 -15.17
N ASN A 424 6.07 -39.24 -14.27
CA ASN A 424 5.92 -39.53 -12.84
C ASN A 424 4.77 -38.77 -12.19
N LYS A 425 4.48 -37.57 -12.69
CA LYS A 425 3.48 -36.68 -12.10
C LYS A 425 3.76 -36.47 -10.61
N ALA A 426 4.93 -35.91 -10.33
CA ALA A 426 5.39 -35.73 -8.97
C ALA A 426 4.42 -34.88 -8.15
N ILE A 427 4.45 -35.09 -6.83
CA ILE A 427 3.67 -34.28 -5.91
C ILE A 427 4.61 -33.56 -4.96
N ALA A 428 4.58 -32.22 -5.01
CA ALA A 428 5.37 -31.40 -4.11
C ALA A 428 4.59 -31.16 -2.82
N THR A 429 5.30 -31.09 -1.70
CA THR A 429 4.68 -30.83 -0.41
C THR A 429 5.28 -29.58 0.22
N PRO A 430 4.52 -28.47 0.19
CA PRO A 430 5.05 -27.24 0.78
C PRO A 430 5.45 -27.41 2.23
N VAL A 431 6.67 -27.02 2.57
CA VAL A 431 7.15 -27.00 3.94
C VAL A 431 7.54 -25.58 4.31
N GLN A 432 6.90 -25.06 5.35
CA GLN A 432 7.09 -23.67 5.77
C GLN A 432 6.92 -22.72 4.58
N GLY A 433 5.86 -22.94 3.81
CA GLY A 433 5.46 -22.04 2.75
C GLY A 433 6.28 -22.12 1.47
N VAL A 434 7.15 -23.12 1.38
CA VAL A 434 8.06 -23.23 0.24
C VAL A 434 8.16 -24.67 -0.26
N TRP A 435 8.25 -24.81 -1.58
CA TRP A 435 8.62 -26.08 -2.20
C TRP A 435 9.50 -25.78 -3.41
N ASP A 436 9.84 -26.81 -4.17
CA ASP A 436 10.68 -26.63 -5.36
C ASP A 436 10.31 -27.59 -6.47
N MET A 437 10.92 -27.39 -7.64
CA MET A 437 10.55 -28.08 -8.87
C MET A 437 11.56 -29.15 -9.29
N ARG A 438 12.56 -29.40 -8.44
CA ARG A 438 13.61 -30.36 -8.76
C ARG A 438 13.02 -31.76 -8.96
N ASN A 439 13.41 -32.38 -10.08
CA ASN A 439 12.87 -33.68 -10.49
C ASN A 439 11.35 -33.65 -10.67
N LYS A 440 10.83 -32.51 -11.12
CA LYS A 440 9.41 -32.35 -11.42
C LYS A 440 9.24 -31.66 -12.75
N GLN A 441 8.16 -32.00 -13.46
CA GLN A 441 7.85 -31.42 -14.76
C GLN A 441 6.52 -30.69 -14.72
N PHE A 442 6.37 -29.67 -15.55
CA PHE A 442 5.12 -28.90 -15.60
C PHE A 442 3.92 -29.80 -15.86
N HIS A 443 2.78 -29.48 -15.25
CA HIS A 443 1.55 -30.22 -15.47
C HIS A 443 1.23 -30.27 -16.96
N THR A 444 1.31 -29.11 -17.61
CA THR A 444 1.23 -29.03 -19.07
C THR A 444 2.35 -28.13 -19.57
N GLY A 445 3.44 -28.76 -20.01
CA GLY A 445 4.58 -28.03 -20.52
C GLY A 445 4.44 -27.73 -22.00
N ILE A 446 4.89 -26.54 -22.40
CA ILE A 446 4.80 -26.13 -23.79
C ILE A 446 6.07 -26.53 -24.54
N GLU A 447 5.87 -27.03 -25.76
CA GLU A 447 6.98 -27.39 -26.63
C GLU A 447 7.33 -26.19 -27.51
N ILE A 448 8.50 -25.61 -27.26
CA ILE A 448 8.93 -24.40 -27.96
C ILE A 448 9.76 -24.75 -29.19
N LYS A 449 9.15 -24.58 -30.37
CA LYS A 449 9.79 -24.92 -31.64
C LYS A 449 10.34 -23.70 -32.35
N VAL A 450 9.62 -22.58 -32.27
CA VAL A 450 9.99 -21.36 -32.97
C VAL A 450 10.13 -20.19 -31.99
N TRP A 451 11.35 -19.69 -31.84
CA TRP A 451 11.61 -18.57 -30.93
C TRP A 451 12.81 -17.76 -31.41
N ALA A 452 12.97 -16.58 -30.82
CA ALA A 452 14.00 -15.64 -31.23
C ALA A 452 14.61 -14.92 -30.03
N ILE A 453 15.80 -14.36 -30.22
CA ILE A 453 16.45 -13.53 -29.22
C ILE A 453 16.75 -12.14 -29.80
N ALA A 454 16.37 -11.11 -29.04
CA ALA A 454 16.64 -9.73 -29.42
C ALA A 454 17.45 -9.05 -28.32
N CYS A 455 18.73 -8.82 -28.58
CA CYS A 455 19.62 -8.28 -27.57
C CYS A 455 19.82 -6.79 -27.76
N PHE A 456 19.26 -6.00 -26.84
CA PHE A 456 19.42 -4.55 -26.84
C PHE A 456 20.58 -4.13 -25.96
N ALA A 457 21.29 -5.10 -25.41
CA ALA A 457 22.51 -4.83 -24.66
C ALA A 457 23.66 -4.66 -25.64
N PRO A 458 24.65 -3.81 -25.29
CA PRO A 458 25.79 -3.63 -26.20
C PRO A 458 26.55 -4.93 -26.43
N GLN A 459 26.98 -5.15 -27.67
CA GLN A 459 27.61 -6.40 -28.07
C GLN A 459 28.87 -6.70 -27.26
N ARG A 460 29.61 -5.65 -26.90
CA ARG A 460 30.83 -5.82 -26.12
C ARG A 460 30.51 -6.44 -24.77
N GLN A 461 29.41 -5.97 -24.17
CA GLN A 461 29.04 -6.37 -22.83
C GLN A 461 28.26 -7.69 -22.81
N CYS A 462 27.42 -7.89 -23.82
CA CYS A 462 26.69 -9.15 -23.98
C CYS A 462 27.03 -9.76 -25.33
N THR A 463 27.96 -10.71 -25.32
CA THR A 463 28.53 -11.28 -26.54
C THR A 463 27.75 -12.50 -27.04
N GLU A 464 28.09 -12.97 -28.24
CA GLU A 464 27.43 -14.15 -28.82
C GLU A 464 27.69 -15.37 -27.95
N VAL A 465 28.88 -15.41 -27.35
CA VAL A 465 29.26 -16.52 -26.47
C VAL A 465 28.37 -16.52 -25.23
N HIS A 466 28.14 -15.34 -24.66
CA HIS A 466 27.24 -15.19 -23.52
C HIS A 466 25.84 -15.71 -23.85
N LEU A 467 25.28 -15.23 -24.96
CA LEU A 467 23.96 -15.63 -25.43
C LEU A 467 23.90 -17.12 -25.68
N LYS A 468 25.03 -17.65 -26.17
CA LYS A 468 25.11 -19.07 -26.50
C LYS A 468 25.08 -19.91 -25.23
N SER A 469 25.86 -19.50 -24.23
CA SER A 469 25.95 -20.22 -22.96
C SER A 469 24.62 -20.14 -22.24
N PHE A 470 24.02 -18.95 -22.26
CA PHE A 470 22.72 -18.71 -21.65
C PHE A 470 21.68 -19.61 -22.30
N THR A 471 21.75 -19.71 -23.63
CA THR A 471 20.84 -20.56 -24.41
C THR A 471 21.05 -22.03 -24.07
N GLU A 472 22.32 -22.42 -23.90
CA GLU A 472 22.67 -23.78 -23.51
C GLU A 472 22.02 -24.15 -22.17
N GLN A 473 22.23 -23.31 -21.17
CA GLN A 473 21.73 -23.57 -19.82
C GLN A 473 20.21 -23.52 -19.76
N LEU A 474 19.60 -22.58 -20.48
CA LEU A 474 18.16 -22.42 -20.45
C LEU A 474 17.47 -23.63 -21.05
N ARG A 475 18.01 -24.13 -22.16
CA ARG A 475 17.47 -25.32 -22.82
C ARG A 475 17.58 -26.54 -21.91
N LYS A 476 18.65 -26.59 -21.12
CA LYS A 476 18.86 -27.69 -20.18
C LYS A 476 17.79 -27.65 -19.08
N ILE A 477 17.68 -26.51 -18.41
CA ILE A 477 16.69 -26.32 -17.35
C ILE A 477 15.27 -26.54 -17.87
N SER A 478 14.98 -26.02 -19.06
CA SER A 478 13.63 -26.10 -19.61
C SER A 478 13.27 -27.53 -20.00
N ARG A 479 14.28 -28.29 -20.42
CA ARG A 479 14.07 -29.69 -20.75
C ARG A 479 13.72 -30.48 -19.49
N ASP A 480 14.41 -30.18 -18.40
CA ASP A 480 14.15 -30.80 -17.12
C ASP A 480 12.74 -30.50 -16.63
N ALA A 481 12.30 -29.27 -16.89
CA ALA A 481 11.01 -28.79 -16.39
C ALA A 481 9.84 -29.30 -17.24
N GLY A 482 10.15 -29.88 -18.38
CA GLY A 482 9.13 -30.41 -19.27
C GLY A 482 8.65 -29.41 -20.30
N MET A 483 9.44 -28.35 -20.50
CA MET A 483 9.16 -27.32 -21.49
C MET A 483 10.35 -27.28 -22.46
N PRO A 484 10.44 -28.29 -23.33
CA PRO A 484 11.62 -28.40 -24.20
C PRO A 484 11.72 -27.29 -25.24
N ILE A 485 12.84 -26.59 -25.22
CA ILE A 485 13.18 -25.66 -26.29
C ILE A 485 13.97 -26.44 -27.33
N GLN A 486 13.27 -26.87 -28.37
CA GLN A 486 13.76 -27.90 -29.29
C GLN A 486 14.98 -27.48 -30.10
N GLY A 487 15.02 -26.20 -30.47
CA GLY A 487 16.05 -25.70 -31.36
C GLY A 487 16.74 -24.45 -30.87
N GLN A 488 17.78 -24.06 -31.60
CA GLN A 488 18.39 -22.74 -31.43
C GLN A 488 17.38 -21.74 -31.98
N PRO A 489 17.47 -20.47 -31.55
CA PRO A 489 16.47 -19.52 -32.05
C PRO A 489 16.62 -19.26 -33.55
N CYS A 490 15.49 -19.21 -34.25
CA CYS A 490 15.47 -18.96 -35.69
C CYS A 490 15.94 -17.55 -36.03
N PHE A 491 16.12 -16.73 -35.00
CA PHE A 491 16.51 -15.35 -35.18
C PHE A 491 17.30 -14.88 -33.96
N CYS A 492 18.39 -14.14 -34.21
CA CYS A 492 19.21 -13.60 -33.13
C CYS A 492 20.01 -12.41 -33.67
N LYS A 493 19.58 -11.21 -33.30
CA LYS A 493 20.23 -9.99 -33.76
C LYS A 493 20.35 -8.96 -32.64
N TYR A 494 21.45 -8.24 -32.63
CA TYR A 494 21.63 -7.13 -31.70
C TYR A 494 20.87 -5.91 -32.20
N ALA A 495 20.54 -5.01 -31.28
CA ALA A 495 19.88 -3.76 -31.63
C ALA A 495 20.16 -2.71 -30.57
N GLN A 496 19.78 -1.48 -30.85
CA GLN A 496 20.01 -0.37 -29.93
C GLN A 496 18.87 0.63 -30.02
N GLY A 497 18.39 1.06 -28.85
CA GLY A 497 17.39 2.11 -28.78
C GLY A 497 15.97 1.62 -28.97
N ALA A 498 15.02 2.45 -28.57
CA ALA A 498 13.61 2.08 -28.59
C ALA A 498 13.03 2.12 -30.00
N ASP A 499 13.69 2.84 -30.91
CA ASP A 499 13.19 2.97 -32.27
C ASP A 499 13.27 1.66 -33.05
N SER A 500 14.18 0.79 -32.63
CA SER A 500 14.43 -0.46 -33.35
C SER A 500 13.47 -1.59 -32.96
N VAL A 501 12.73 -1.38 -31.86
CA VAL A 501 11.84 -2.42 -31.36
C VAL A 501 10.74 -2.80 -32.34
N GLU A 502 9.86 -1.87 -32.65
CA GLU A 502 8.71 -2.15 -33.52
C GLU A 502 9.07 -2.70 -34.90
N PRO A 503 10.06 -2.08 -35.59
CA PRO A 503 10.41 -2.64 -36.90
C PRO A 503 10.97 -4.05 -36.80
N MET A 504 11.73 -4.33 -35.74
CA MET A 504 12.27 -5.65 -35.53
C MET A 504 11.17 -6.66 -35.24
N PHE A 505 10.24 -6.29 -34.38
CA PHE A 505 9.17 -7.20 -34.01
C PHE A 505 8.21 -7.41 -35.17
N ARG A 506 7.98 -6.38 -35.97
CA ARG A 506 7.14 -6.49 -37.16
C ARG A 506 7.77 -7.45 -38.17
N HIS A 507 9.08 -7.34 -38.35
CA HIS A 507 9.80 -8.26 -39.22
C HIS A 507 9.64 -9.69 -38.73
N LEU A 508 9.82 -9.89 -37.42
CA LEU A 508 9.72 -11.21 -36.83
C LEU A 508 8.35 -11.84 -37.07
N LYS A 509 7.29 -11.06 -36.83
CA LYS A 509 5.93 -11.57 -36.97
C LYS A 509 5.64 -11.96 -38.41
N ASN A 510 6.19 -11.19 -39.35
CA ASN A 510 5.94 -11.43 -40.78
C ASN A 510 6.77 -12.58 -41.33
N THR A 511 7.97 -12.77 -40.81
CA THR A 511 8.94 -13.69 -41.39
C THR A 511 8.79 -15.13 -40.90
N TYR A 512 8.73 -15.30 -39.58
CA TYR A 512 8.80 -16.62 -38.98
C TYR A 512 7.43 -17.15 -38.53
N ALA A 513 6.89 -18.09 -39.30
CA ALA A 513 5.58 -18.65 -39.03
C ALA A 513 5.61 -19.52 -37.78
N GLY A 514 4.59 -19.35 -36.94
CA GLY A 514 4.46 -20.14 -35.73
C GLY A 514 5.38 -19.66 -34.63
N LEU A 515 5.77 -18.39 -34.69
CA LEU A 515 6.62 -17.81 -33.66
C LEU A 515 5.89 -17.79 -32.33
N GLN A 516 6.55 -18.31 -31.29
CA GLN A 516 5.92 -18.51 -29.99
C GLN A 516 6.41 -17.50 -28.96
N LEU A 517 7.65 -17.07 -29.10
CA LEU A 517 8.29 -16.27 -28.07
C LEU A 517 9.46 -15.46 -28.63
N VAL A 518 9.64 -14.27 -28.07
CA VAL A 518 10.83 -13.46 -28.30
C VAL A 518 11.49 -13.17 -26.96
N VAL A 519 12.73 -13.62 -26.79
CA VAL A 519 13.47 -13.33 -25.58
C VAL A 519 14.27 -12.05 -25.80
N VAL A 520 14.07 -11.07 -24.93
CA VAL A 520 14.68 -9.77 -25.09
C VAL A 520 15.70 -9.50 -23.99
N ILE A 521 16.95 -9.29 -24.38
CA ILE A 521 18.00 -9.00 -23.42
C ILE A 521 18.13 -7.50 -23.27
N LEU A 522 18.10 -7.03 -22.02
CA LEU A 522 18.16 -5.59 -21.74
C LEU A 522 19.38 -5.28 -20.88
N PRO A 523 20.06 -4.15 -21.16
CA PRO A 523 21.29 -3.80 -20.44
C PRO A 523 21.04 -3.46 -18.96
N GLY A 524 19.78 -3.24 -18.61
CA GLY A 524 19.42 -2.84 -17.26
C GLY A 524 18.15 -2.04 -17.29
N LYS A 525 18.10 -0.96 -16.52
CA LYS A 525 16.94 -0.07 -16.54
C LYS A 525 16.96 0.79 -17.79
N THR A 526 15.98 0.58 -18.66
CA THR A 526 15.93 1.30 -19.94
C THR A 526 14.50 1.49 -20.43
N PRO A 527 14.24 2.62 -21.11
CA PRO A 527 12.91 2.85 -21.69
C PRO A 527 12.53 1.84 -22.77
N VAL A 528 13.50 1.04 -23.21
CA VAL A 528 13.24 0.00 -24.20
C VAL A 528 12.23 -1.02 -23.67
N TYR A 529 12.29 -1.32 -22.37
CA TYR A 529 11.39 -2.30 -21.78
C TYR A 529 9.92 -1.94 -22.01
N ALA A 530 9.55 -0.72 -21.63
CA ALA A 530 8.19 -0.26 -21.80
C ALA A 530 7.79 -0.29 -23.27
N GLU A 531 8.76 -0.03 -24.15
CA GLU A 531 8.52 -0.05 -25.58
C GLU A 531 8.32 -1.48 -26.06
N VAL A 532 9.14 -2.40 -25.55
CA VAL A 532 8.99 -3.82 -25.87
C VAL A 532 7.57 -4.29 -25.51
N LYS A 533 7.09 -3.89 -24.35
CA LYS A 533 5.77 -4.32 -23.89
C LYS A 533 4.64 -3.57 -24.61
N ARG A 534 4.88 -2.34 -25.04
CA ARG A 534 3.89 -1.63 -25.82
C ARG A 534 3.67 -2.36 -27.13
N VAL A 535 4.76 -2.63 -27.84
CA VAL A 535 4.69 -3.29 -29.14
C VAL A 535 4.17 -4.72 -28.99
N GLY A 536 4.73 -5.45 -28.03
CA GLY A 536 4.37 -6.84 -27.83
C GLY A 536 2.95 -7.04 -27.34
N ASP A 537 2.56 -6.34 -26.28
CA ASP A 537 1.26 -6.57 -25.66
C ASP A 537 0.11 -5.93 -26.43
N THR A 538 0.32 -4.73 -26.95
CA THR A 538 -0.79 -3.91 -27.45
C THR A 538 -0.79 -3.69 -28.97
N VAL A 539 0.39 -3.64 -29.59
CA VAL A 539 0.48 -3.33 -31.02
C VAL A 539 0.44 -4.55 -31.93
N LEU A 540 1.31 -5.53 -31.65
CA LEU A 540 1.47 -6.69 -32.52
C LEU A 540 0.93 -7.99 -31.93
N GLY A 541 0.79 -8.04 -30.60
CA GLY A 541 0.28 -9.23 -29.93
C GLY A 541 1.24 -10.39 -30.03
N MET A 542 2.42 -10.22 -29.45
CA MET A 542 3.47 -11.23 -29.48
C MET A 542 4.03 -11.46 -28.08
N ALA A 543 4.25 -12.71 -27.73
CA ALA A 543 4.84 -13.05 -26.45
C ALA A 543 6.28 -12.59 -26.36
N THR A 544 6.62 -11.93 -25.25
CA THR A 544 7.98 -11.51 -25.00
C THR A 544 8.38 -11.85 -23.58
N GLN A 545 9.65 -12.20 -23.41
CA GLN A 545 10.21 -12.44 -22.10
C GLN A 545 11.54 -11.73 -21.98
N CYS A 546 11.57 -10.66 -21.19
CA CYS A 546 12.78 -9.87 -21.05
C CYS A 546 13.67 -10.45 -19.95
N VAL A 547 14.98 -10.27 -20.10
CA VAL A 547 15.96 -10.71 -19.12
C VAL A 547 17.07 -9.67 -19.00
N GLN A 548 17.43 -9.32 -17.77
CA GLN A 548 18.54 -8.39 -17.58
C GLN A 548 19.83 -9.02 -18.08
N MET A 549 20.70 -8.19 -18.64
CA MET A 549 21.99 -8.62 -19.16
C MET A 549 22.79 -9.41 -18.12
N LYS A 550 22.79 -8.94 -16.87
CA LYS A 550 23.58 -9.57 -15.82
C LYS A 550 23.12 -11.00 -15.53
N ASN A 551 21.84 -11.29 -15.80
CA ASN A 551 21.31 -12.63 -15.60
C ASN A 551 21.51 -13.51 -16.83
N VAL A 552 22.17 -12.95 -17.85
CA VAL A 552 22.56 -13.72 -19.03
C VAL A 552 24.04 -14.03 -18.95
N GLN A 553 24.82 -13.02 -18.56
CA GLN A 553 26.26 -13.17 -18.37
C GLN A 553 26.57 -14.23 -17.33
N ARG A 554 25.86 -14.19 -16.20
CA ARG A 554 26.00 -15.18 -15.15
C ARG A 554 24.65 -15.76 -14.76
N THR A 555 24.42 -17.01 -15.16
CA THR A 555 23.17 -17.69 -14.90
C THR A 555 23.25 -18.59 -13.67
N THR A 556 22.09 -18.87 -13.08
CA THR A 556 22.00 -19.82 -11.97
C THR A 556 20.80 -20.73 -12.21
N PRO A 557 20.87 -21.99 -11.72
CA PRO A 557 19.74 -22.90 -11.93
C PRO A 557 18.42 -22.38 -11.39
N GLN A 558 18.47 -21.65 -10.28
CA GLN A 558 17.26 -21.15 -9.64
C GLN A 558 16.63 -20.05 -10.49
N THR A 559 17.45 -19.10 -10.93
CA THR A 559 16.98 -18.00 -11.75
C THR A 559 16.38 -18.53 -13.04
N LEU A 560 17.12 -19.40 -13.73
CA LEU A 560 16.66 -19.97 -14.98
C LEU A 560 15.39 -20.79 -14.79
N SER A 561 15.26 -21.44 -13.64
CA SER A 561 14.06 -22.20 -13.34
C SER A 561 12.87 -21.27 -13.23
N ASN A 562 13.00 -20.22 -12.42
CA ASN A 562 11.94 -19.23 -12.26
C ASN A 562 11.59 -18.58 -13.60
N LEU A 563 12.60 -18.41 -14.45
CA LEU A 563 12.41 -17.81 -15.75
C LEU A 563 11.51 -18.68 -16.62
N CYS A 564 11.70 -19.99 -16.54
CA CYS A 564 10.88 -20.93 -17.29
C CYS A 564 9.44 -20.95 -16.78
N LEU A 565 9.25 -20.63 -15.51
CA LEU A 565 7.91 -20.58 -14.93
C LEU A 565 7.07 -19.54 -15.65
N LYS A 566 7.67 -18.38 -15.89
CA LYS A 566 7.01 -17.29 -16.59
C LYS A 566 6.80 -17.63 -18.07
N ILE A 567 7.83 -18.19 -18.70
CA ILE A 567 7.77 -18.51 -20.11
C ILE A 567 6.67 -19.52 -20.41
N ASN A 568 6.63 -20.60 -19.65
CA ASN A 568 5.64 -21.65 -19.86
C ASN A 568 4.23 -21.12 -19.72
N VAL A 569 4.01 -20.27 -18.72
CA VAL A 569 2.71 -19.65 -18.51
C VAL A 569 2.33 -18.71 -19.66
N LYS A 570 3.27 -17.86 -20.06
CA LYS A 570 3.05 -16.93 -21.16
C LYS A 570 2.68 -17.63 -22.47
N LEU A 571 3.18 -18.84 -22.64
CA LEU A 571 2.94 -19.62 -23.86
C LEU A 571 1.75 -20.56 -23.72
N GLY A 572 0.98 -20.38 -22.66
CA GLY A 572 -0.26 -21.10 -22.47
C GLY A 572 -0.17 -22.36 -21.62
N GLY A 573 0.98 -22.57 -20.99
CA GLY A 573 1.21 -23.77 -20.22
C GLY A 573 0.57 -23.77 -18.84
N VAL A 574 0.55 -24.94 -18.21
CA VAL A 574 0.09 -25.09 -16.84
C VAL A 574 1.24 -25.63 -16.00
N ASN A 575 1.83 -24.77 -15.17
CA ASN A 575 3.00 -25.14 -14.39
C ASN A 575 2.67 -26.26 -13.39
N ASN A 576 1.59 -26.06 -12.64
CA ASN A 576 1.14 -27.06 -11.69
C ASN A 576 -0.31 -26.78 -11.29
N ILE A 577 -0.92 -27.76 -10.60
CA ILE A 577 -2.29 -27.59 -10.12
C ILE A 577 -2.42 -28.09 -8.69
N LEU A 578 -3.41 -27.57 -7.99
CA LEU A 578 -3.76 -28.08 -6.68
C LEU A 578 -4.13 -29.55 -6.83
N LEU A 579 -3.65 -30.38 -5.92
CA LEU A 579 -4.05 -31.79 -5.89
C LEU A 579 -5.58 -31.84 -5.89
N PRO A 580 -6.17 -32.33 -7.00
CA PRO A 580 -7.63 -32.26 -7.17
C PRO A 580 -8.44 -32.74 -5.97
N GLN A 581 -8.13 -33.92 -5.45
CA GLN A 581 -8.90 -34.49 -4.35
C GLN A 581 -8.65 -33.78 -3.02
N GLY A 582 -7.71 -32.84 -3.00
CA GLY A 582 -7.38 -32.10 -1.79
C GLY A 582 -8.05 -30.74 -1.69
N ARG A 583 -8.82 -30.39 -2.71
CA ARG A 583 -9.49 -29.09 -2.76
C ARG A 583 -10.78 -29.06 -1.94
N PRO A 584 -11.21 -27.87 -1.50
CA PRO A 584 -12.48 -27.76 -0.77
C PRO A 584 -13.69 -28.10 -1.64
N PRO A 585 -14.83 -28.44 -1.02
CA PRO A 585 -16.03 -28.92 -1.72
C PRO A 585 -16.56 -27.97 -2.79
N VAL A 586 -16.17 -26.70 -2.75
CA VAL A 586 -16.71 -25.71 -3.66
C VAL A 586 -16.40 -26.05 -5.12
N PHE A 587 -15.35 -26.83 -5.34
CA PHE A 587 -14.93 -27.21 -6.69
C PHE A 587 -15.78 -28.29 -7.31
N GLN A 588 -16.76 -28.80 -6.58
CA GLN A 588 -17.65 -29.83 -7.11
C GLN A 588 -18.55 -29.26 -8.19
N GLN A 589 -18.80 -27.96 -8.12
CA GLN A 589 -19.59 -27.26 -9.13
C GLN A 589 -18.72 -26.22 -9.85
N PRO A 590 -19.13 -25.82 -11.06
CA PRO A 590 -18.39 -24.76 -11.76
C PRO A 590 -18.30 -23.47 -10.95
N VAL A 591 -17.08 -22.98 -10.79
CA VAL A 591 -16.82 -21.77 -10.02
C VAL A 591 -15.72 -20.95 -10.69
N ILE A 592 -15.91 -19.63 -10.72
CA ILE A 592 -14.89 -18.71 -11.22
C ILE A 592 -14.34 -17.88 -10.07
N PHE A 593 -13.03 -17.67 -10.08
CA PHE A 593 -12.37 -16.91 -9.04
C PHE A 593 -11.90 -15.58 -9.61
N LEU A 594 -12.47 -14.49 -9.09
CA LEU A 594 -12.11 -13.15 -9.54
C LEU A 594 -11.18 -12.47 -8.55
N GLY A 595 -10.15 -11.83 -9.09
CA GLY A 595 -9.27 -10.97 -8.31
C GLY A 595 -9.34 -9.57 -8.89
N ALA A 596 -9.47 -8.58 -8.01
CA ALA A 596 -9.65 -7.21 -8.45
C ALA A 596 -8.84 -6.25 -7.59
N ASP A 597 -8.26 -5.24 -8.22
CA ASP A 597 -7.47 -4.23 -7.53
C ASP A 597 -7.43 -2.93 -8.30
N VAL A 598 -7.41 -1.83 -7.56
CA VAL A 598 -7.18 -0.52 -8.13
C VAL A 598 -5.83 0.00 -7.64
N THR A 599 -5.06 0.58 -8.56
CA THR A 599 -3.77 1.17 -8.23
C THR A 599 -3.82 2.67 -8.50
N HIS A 600 -3.53 3.46 -7.47
CA HIS A 600 -3.64 4.91 -7.56
C HIS A 600 -2.28 5.56 -7.83
N PRO A 601 -2.29 6.78 -8.40
CA PRO A 601 -1.04 7.48 -8.69
C PRO A 601 -0.20 7.77 -7.44
N PRO A 602 1.11 8.02 -7.62
CA PRO A 602 1.99 8.35 -6.49
C PRO A 602 1.57 9.62 -5.74
N ALA A 603 2.20 9.88 -4.59
CA ALA A 603 1.90 11.06 -3.80
C ALA A 603 2.24 12.32 -4.58
N GLY A 604 1.43 13.37 -4.38
CA GLY A 604 1.68 14.67 -4.99
C GLY A 604 1.14 14.79 -6.40
N ASP A 605 0.86 13.65 -7.03
CA ASP A 605 0.32 13.65 -8.38
C ASP A 605 -1.15 14.09 -8.34
N GLY A 606 -1.59 14.74 -9.42
CA GLY A 606 -2.90 15.36 -9.44
C GLY A 606 -3.80 15.01 -10.62
N LYS A 607 -3.24 14.41 -11.67
CA LYS A 607 -4.01 14.20 -12.90
C LYS A 607 -3.92 12.78 -13.46
N LYS A 608 -2.94 11.99 -13.03
CA LYS A 608 -2.81 10.63 -13.55
C LYS A 608 -4.05 9.82 -13.19
N PRO A 609 -4.42 8.86 -14.05
CA PRO A 609 -5.59 8.04 -13.75
C PRO A 609 -5.32 6.97 -12.70
N SER A 610 -6.38 6.51 -12.04
CA SER A 610 -6.33 5.27 -11.28
C SER A 610 -6.57 4.12 -12.26
N ILE A 611 -5.95 2.97 -11.99
CA ILE A 611 -6.05 1.82 -12.88
C ILE A 611 -6.74 0.65 -12.19
N ALA A 612 -7.86 0.23 -12.76
CA ALA A 612 -8.61 -0.91 -12.25
C ALA A 612 -8.29 -2.15 -13.06
N ALA A 613 -7.91 -3.23 -12.37
CA ALA A 613 -7.62 -4.50 -13.01
C ALA A 613 -8.46 -5.61 -12.39
N VAL A 614 -9.05 -6.44 -13.24
CA VAL A 614 -9.82 -7.59 -12.80
C VAL A 614 -9.42 -8.82 -13.60
N VAL A 615 -9.14 -9.92 -12.90
CA VAL A 615 -8.78 -11.17 -13.55
C VAL A 615 -9.72 -12.28 -13.12
N GLY A 616 -9.92 -13.26 -14.00
CA GLY A 616 -10.81 -14.38 -13.73
C GLY A 616 -10.19 -15.70 -14.13
N SER A 617 -10.43 -16.73 -13.33
CA SER A 617 -9.93 -18.07 -13.63
C SER A 617 -10.62 -18.64 -14.86
N MET A 618 -9.90 -19.48 -15.61
CA MET A 618 -10.40 -20.00 -16.88
C MET A 618 -10.36 -21.53 -16.94
N ASP A 619 -10.12 -22.17 -15.80
CA ASP A 619 -10.21 -23.62 -15.69
C ASP A 619 -10.59 -24.03 -14.27
N ALA A 620 -10.70 -25.33 -14.03
CA ALA A 620 -11.20 -25.85 -12.77
C ALA A 620 -10.10 -26.18 -11.75
N HIS A 621 -8.85 -25.90 -12.11
CA HIS A 621 -7.72 -26.33 -11.30
C HIS A 621 -7.62 -25.66 -9.93
N PRO A 622 -7.64 -24.31 -9.88
CA PRO A 622 -7.64 -23.29 -10.92
C PRO A 622 -6.23 -22.78 -11.20
N ASN A 623 -5.92 -22.50 -12.47
CA ASN A 623 -4.57 -22.09 -12.84
C ASN A 623 -4.51 -20.98 -13.89
N ARG A 624 -5.17 -21.19 -15.02
CA ARG A 624 -5.16 -20.21 -16.10
C ARG A 624 -6.09 -19.04 -15.76
N TYR A 625 -5.61 -17.83 -16.03
CA TYR A 625 -6.36 -16.61 -15.77
C TYR A 625 -6.34 -15.67 -16.97
N CYS A 626 -7.45 -14.97 -17.19
CA CYS A 626 -7.52 -13.91 -18.18
C CYS A 626 -7.75 -12.59 -17.47
N ALA A 627 -7.35 -11.50 -18.10
CA ALA A 627 -7.32 -10.20 -17.46
C ALA A 627 -8.15 -9.16 -18.21
N THR A 628 -8.72 -8.24 -17.42
CA THR A 628 -9.34 -7.04 -17.96
C THR A 628 -8.76 -5.87 -17.20
N VAL A 629 -8.69 -4.72 -17.87
CA VAL A 629 -8.10 -3.54 -17.25
C VAL A 629 -8.71 -2.26 -17.83
N ARG A 630 -8.83 -1.25 -16.98
CA ARG A 630 -9.42 0.02 -17.37
C ARG A 630 -8.68 1.16 -16.68
N VAL A 631 -8.70 2.33 -17.31
CA VAL A 631 -8.31 3.56 -16.64
C VAL A 631 -9.59 4.18 -16.10
N GLN A 632 -9.49 4.88 -14.97
CA GLN A 632 -10.65 5.57 -14.41
C GLN A 632 -10.21 6.79 -13.61
N GLN A 633 -11.19 7.45 -13.00
CA GLN A 633 -10.99 8.75 -12.38
C GLN A 633 -9.84 8.76 -11.38
N HIS A 634 -9.16 9.89 -11.30
CA HIS A 634 -8.04 10.10 -10.41
C HIS A 634 -8.40 9.77 -8.96
N ARG A 635 -7.72 8.78 -8.40
CA ARG A 635 -7.85 8.41 -6.99
C ARG A 635 -9.26 7.93 -6.61
N GLN A 636 -9.95 7.28 -7.55
CA GLN A 636 -11.24 6.65 -7.25
C GLN A 636 -11.03 5.16 -7.01
N GLU A 637 -11.46 4.68 -5.85
CA GLU A 637 -11.26 3.29 -5.47
C GLU A 637 -12.32 2.37 -6.09
N ILE A 638 -13.55 2.86 -6.20
CA ILE A 638 -14.63 2.08 -6.79
C ILE A 638 -14.34 1.79 -8.26
N ILE A 639 -14.42 0.53 -8.64
CA ILE A 639 -14.20 0.13 -10.02
C ILE A 639 -15.41 0.47 -10.86
N GLN A 640 -15.26 1.48 -11.71
CA GLN A 640 -16.39 2.09 -12.40
C GLN A 640 -17.01 1.15 -13.44
N ASP A 641 -16.17 0.52 -14.25
CA ASP A 641 -16.62 -0.28 -15.39
C ASP A 641 -16.60 -1.77 -15.08
N LEU A 642 -16.80 -2.12 -13.81
CA LEU A 642 -16.69 -3.52 -13.37
C LEU A 642 -17.66 -4.46 -14.08
N ALA A 643 -18.91 -4.02 -14.25
CA ALA A 643 -19.93 -4.85 -14.89
C ALA A 643 -19.46 -5.32 -16.26
N ALA A 644 -18.92 -4.40 -17.04
CA ALA A 644 -18.40 -4.72 -18.36
C ALA A 644 -17.26 -5.73 -18.25
N MET A 645 -16.36 -5.51 -17.31
CA MET A 645 -15.18 -6.35 -17.13
C MET A 645 -15.55 -7.79 -16.75
N VAL A 646 -16.46 -7.93 -15.78
CA VAL A 646 -16.90 -9.25 -15.33
C VAL A 646 -17.60 -10.00 -16.46
N ARG A 647 -18.42 -9.28 -17.24
CA ARG A 647 -19.10 -9.87 -18.39
C ARG A 647 -18.09 -10.53 -19.33
N GLU A 648 -17.04 -9.79 -19.69
CA GLU A 648 -15.98 -10.33 -20.54
C GLU A 648 -15.44 -11.63 -19.96
N LEU A 649 -15.14 -11.59 -18.66
CA LEU A 649 -14.50 -12.73 -18.01
C LEU A 649 -15.45 -13.93 -17.95
N LEU A 650 -16.73 -13.69 -17.70
CA LEU A 650 -17.70 -14.77 -17.69
C LEU A 650 -17.82 -15.40 -19.07
N ILE A 651 -17.84 -14.56 -20.10
CA ILE A 651 -17.91 -15.04 -21.47
C ILE A 651 -16.70 -15.92 -21.79
N GLN A 652 -15.52 -15.45 -21.42
CA GLN A 652 -14.29 -16.15 -21.73
C GLN A 652 -14.16 -17.43 -20.89
N PHE A 653 -14.79 -17.43 -19.72
CA PHE A 653 -14.82 -18.61 -18.87
C PHE A 653 -15.60 -19.72 -19.55
N TYR A 654 -16.77 -19.37 -20.09
CA TYR A 654 -17.62 -20.34 -20.76
C TYR A 654 -16.95 -20.84 -22.04
N LYS A 655 -16.28 -19.94 -22.75
CA LYS A 655 -15.58 -20.32 -23.97
C LYS A 655 -14.47 -21.32 -23.67
N SER A 656 -13.88 -21.21 -22.48
CA SER A 656 -12.74 -22.04 -22.10
C SER A 656 -13.17 -23.36 -21.46
N THR A 657 -14.20 -23.31 -20.62
CA THR A 657 -14.60 -24.46 -19.81
C THR A 657 -15.91 -25.08 -20.27
N ARG A 658 -16.66 -24.35 -21.10
CA ARG A 658 -18.00 -24.76 -21.52
C ARG A 658 -18.91 -24.98 -20.31
N PHE A 659 -18.59 -24.30 -19.22
CA PHE A 659 -19.42 -24.27 -18.04
C PHE A 659 -19.82 -22.84 -17.72
N LYS A 660 -21.00 -22.67 -17.14
CA LYS A 660 -21.42 -21.39 -16.59
C LYS A 660 -21.23 -21.46 -15.08
N PRO A 661 -20.47 -20.52 -14.49
CA PRO A 661 -20.26 -20.60 -13.05
C PRO A 661 -21.54 -20.60 -12.25
N THR A 662 -21.62 -21.48 -11.25
CA THR A 662 -22.74 -21.50 -10.32
C THR A 662 -22.43 -20.59 -9.15
N ARG A 663 -21.16 -20.25 -9.00
CA ARG A 663 -20.69 -19.38 -7.92
C ARG A 663 -19.60 -18.44 -8.44
N ILE A 664 -19.53 -17.26 -7.84
CA ILE A 664 -18.49 -16.29 -8.15
C ILE A 664 -17.77 -15.86 -6.87
N ILE A 665 -16.49 -16.20 -6.76
CA ILE A 665 -15.68 -15.81 -5.61
C ILE A 665 -14.86 -14.58 -5.97
N PHE A 666 -15.18 -13.46 -5.33
CA PHE A 666 -14.62 -12.16 -5.69
C PHE A 666 -13.64 -11.66 -4.62
N TYR A 667 -12.34 -11.73 -4.93
CA TYR A 667 -11.31 -11.24 -4.03
C TYR A 667 -10.94 -9.80 -4.37
N ARG A 668 -11.33 -8.87 -3.50
CA ARG A 668 -11.17 -7.44 -3.73
C ARG A 668 -10.05 -6.85 -2.88
N ASP A 669 -8.94 -6.49 -3.50
CA ASP A 669 -7.79 -5.97 -2.77
C ASP A 669 -7.87 -4.48 -2.48
N GLY A 670 -7.45 -4.10 -1.28
CA GLY A 670 -7.10 -2.72 -0.97
C GLY A 670 -8.20 -1.77 -0.54
N VAL A 671 -9.34 -2.30 -0.11
CA VAL A 671 -10.44 -1.46 0.37
C VAL A 671 -10.41 -1.37 1.89
N SER A 672 -10.40 -0.15 2.40
CA SER A 672 -10.38 0.08 3.84
C SER A 672 -11.80 0.02 4.40
N GLU A 673 -11.90 -0.18 5.71
CA GLU A 673 -13.19 -0.34 6.39
C GLU A 673 -14.15 0.81 6.12
N GLY A 674 -13.59 2.02 5.98
CA GLY A 674 -14.40 3.20 5.76
C GLY A 674 -14.96 3.31 4.35
N GLN A 675 -14.69 2.30 3.54
CA GLN A 675 -15.17 2.26 2.15
C GLN A 675 -15.95 1.00 1.84
N PHE A 676 -16.10 0.13 2.85
CA PHE A 676 -16.77 -1.16 2.65
C PHE A 676 -18.17 -1.02 2.04
N GLN A 677 -19.00 -0.16 2.63
CA GLN A 677 -20.38 -0.04 2.18
C GLN A 677 -20.46 0.60 0.81
N GLN A 678 -19.68 1.65 0.58
CA GLN A 678 -19.68 2.35 -0.69
C GLN A 678 -19.26 1.41 -1.83
N VAL A 679 -18.12 0.75 -1.65
CA VAL A 679 -17.58 -0.14 -2.67
C VAL A 679 -18.50 -1.33 -2.91
N LEU A 680 -18.93 -1.99 -1.84
CA LEU A 680 -19.80 -3.15 -1.94
C LEU A 680 -21.08 -2.83 -2.70
N HIS A 681 -21.63 -1.64 -2.46
CA HIS A 681 -22.90 -1.25 -3.08
C HIS A 681 -22.77 -1.19 -4.60
N HIS A 682 -21.71 -0.55 -5.08
CA HIS A 682 -21.53 -0.39 -6.52
C HIS A 682 -21.06 -1.70 -7.16
N GLU A 683 -20.09 -2.36 -6.54
CA GLU A 683 -19.41 -3.49 -7.18
C GLU A 683 -20.21 -4.78 -7.10
N LEU A 684 -20.87 -5.04 -5.97
CA LEU A 684 -21.70 -6.24 -5.87
C LEU A 684 -22.83 -6.17 -6.89
N LEU A 685 -23.44 -5.00 -7.01
CA LEU A 685 -24.51 -4.80 -7.99
C LEU A 685 -23.99 -4.87 -9.41
N ALA A 686 -22.74 -4.46 -9.61
CA ALA A 686 -22.13 -4.50 -10.92
C ALA A 686 -21.94 -5.95 -11.36
N ILE A 687 -21.58 -6.81 -10.42
CA ILE A 687 -21.37 -8.22 -10.72
C ILE A 687 -22.71 -8.88 -11.08
N ARG A 688 -23.75 -8.55 -10.32
CA ARG A 688 -25.09 -9.03 -10.62
C ARG A 688 -25.54 -8.57 -12.00
N GLU A 689 -25.29 -7.29 -12.27
CA GLU A 689 -25.66 -6.68 -13.54
C GLU A 689 -25.04 -7.44 -14.71
N ALA A 690 -23.77 -7.82 -14.55
CA ALA A 690 -23.07 -8.56 -15.59
C ALA A 690 -23.76 -9.88 -15.86
N CYS A 691 -24.17 -10.56 -14.79
CA CYS A 691 -24.87 -11.84 -14.89
C CYS A 691 -26.23 -11.68 -15.55
N ILE A 692 -27.00 -10.71 -15.06
CA ILE A 692 -28.36 -10.49 -15.55
C ILE A 692 -28.39 -10.13 -17.04
N LYS A 693 -27.46 -9.27 -17.47
CA LYS A 693 -27.42 -8.84 -18.86
C LYS A 693 -26.84 -9.90 -19.79
N LEU A 694 -26.38 -11.00 -19.23
CA LEU A 694 -25.90 -12.09 -20.02
C LEU A 694 -26.97 -13.10 -20.34
N GLU A 695 -27.72 -13.51 -19.34
CA GLU A 695 -28.70 -14.53 -19.53
C GLU A 695 -29.67 -14.57 -18.41
N LYS A 696 -30.84 -15.12 -18.69
CA LYS A 696 -31.79 -15.56 -17.71
C LYS A 696 -32.01 -14.38 -16.80
N ASP A 697 -32.10 -14.48 -15.47
CA ASP A 697 -32.23 -15.66 -14.65
C ASP A 697 -30.96 -16.40 -14.29
N TYR A 698 -29.83 -15.87 -14.69
CA TYR A 698 -28.57 -16.42 -14.28
C TYR A 698 -28.21 -15.70 -13.01
N GLN A 699 -28.30 -16.39 -11.88
CA GLN A 699 -27.98 -15.77 -10.60
C GLN A 699 -27.02 -16.64 -9.79
N PRO A 700 -25.73 -16.64 -10.16
CA PRO A 700 -24.74 -17.39 -9.39
C PRO A 700 -24.50 -16.78 -8.02
N GLY A 701 -24.16 -17.62 -7.05
CA GLY A 701 -23.89 -17.14 -5.71
C GLY A 701 -22.59 -16.34 -5.67
N ILE A 702 -22.68 -15.12 -5.18
CA ILE A 702 -21.53 -14.23 -5.10
C ILE A 702 -20.96 -14.23 -3.69
N THR A 703 -19.65 -14.44 -3.59
CA THR A 703 -18.91 -14.25 -2.34
C THR A 703 -17.96 -13.08 -2.52
N PHE A 704 -18.18 -12.02 -1.74
CA PHE A 704 -17.40 -10.80 -1.85
C PHE A 704 -16.43 -10.69 -0.68
N ILE A 705 -15.14 -10.77 -0.99
CA ILE A 705 -14.10 -10.76 0.04
C ILE A 705 -13.12 -9.61 -0.19
N VAL A 706 -12.96 -8.76 0.82
CA VAL A 706 -11.98 -7.69 0.76
C VAL A 706 -10.66 -8.17 1.35
N VAL A 707 -9.58 -8.02 0.57
CA VAL A 707 -8.25 -8.40 1.01
C VAL A 707 -7.46 -7.16 1.39
N GLN A 708 -6.96 -7.14 2.62
CA GLN A 708 -6.14 -6.03 3.10
C GLN A 708 -4.78 -6.53 3.58
N LYS A 709 -3.75 -6.24 2.79
CA LYS A 709 -2.39 -6.60 3.14
C LYS A 709 -1.76 -5.51 4.01
N ARG A 710 -2.19 -4.27 3.77
CA ARG A 710 -1.60 -3.13 4.46
C ARG A 710 -2.55 -2.59 5.53
N HIS A 711 -2.40 -3.14 6.73
CA HIS A 711 -3.06 -2.66 7.93
C HIS A 711 -1.98 -2.56 9.01
N HIS A 712 -2.38 -2.45 10.27
CA HIS A 712 -1.42 -2.27 11.36
C HIS A 712 -1.50 -3.38 12.41
N THR A 713 -2.05 -4.52 12.01
CA THR A 713 -2.06 -5.70 12.86
C THR A 713 -0.82 -6.55 12.60
N ARG A 714 -0.09 -6.85 13.65
CA ARG A 714 1.08 -7.71 13.59
C ARG A 714 0.95 -8.84 14.59
N LEU A 715 1.33 -10.04 14.17
CA LEU A 715 1.25 -11.23 15.03
C LEU A 715 2.65 -11.78 15.27
N PHE A 716 2.88 -12.22 16.50
CA PHE A 716 4.18 -12.73 16.90
C PHE A 716 4.05 -14.08 17.61
N CYS A 717 5.10 -14.89 17.51
CA CYS A 717 5.14 -16.14 18.25
C CYS A 717 5.38 -15.86 19.71
N THR A 718 4.56 -16.46 20.58
CA THR A 718 4.75 -16.35 22.01
C THR A 718 5.97 -17.15 22.43
N ASP A 719 6.08 -18.36 21.89
CA ASP A 719 7.19 -19.26 22.19
C ASP A 719 8.31 -19.09 21.18
N LYS A 720 9.53 -18.90 21.69
CA LYS A 720 10.70 -18.70 20.84
C LYS A 720 10.96 -19.89 19.92
N ASN A 721 10.51 -21.08 20.32
CA ASN A 721 10.73 -22.28 19.53
C ASN A 721 9.78 -22.38 18.32
N GLU A 722 8.82 -21.46 18.24
CA GLU A 722 7.88 -21.43 17.12
C GLU A 722 8.36 -20.50 16.01
N ARG A 723 9.16 -19.50 16.38
CA ARG A 723 9.71 -18.54 15.43
C ARG A 723 10.39 -19.25 14.26
N VAL A 724 10.25 -18.69 13.06
CA VAL A 724 10.79 -19.31 11.86
C VAL A 724 11.86 -18.46 11.21
N GLY A 725 13.04 -19.06 11.01
CA GLY A 725 14.11 -18.43 10.27
C GLY A 725 14.74 -17.24 10.96
N LYS A 726 15.61 -16.54 10.22
CA LYS A 726 16.37 -15.40 10.72
C LYS A 726 15.46 -14.26 11.19
N SER A 727 14.36 -14.05 10.48
CA SER A 727 13.43 -12.98 10.82
C SER A 727 12.56 -13.33 12.03
N GLY A 728 12.47 -14.62 12.34
CA GLY A 728 11.74 -15.07 13.51
C GLY A 728 10.24 -14.82 13.42
N ASN A 729 9.69 -15.00 12.23
CA ASN A 729 8.27 -14.75 12.00
C ASN A 729 7.41 -15.98 12.25
N ILE A 730 6.11 -15.74 12.40
CA ILE A 730 5.14 -16.82 12.50
C ILE A 730 5.15 -17.68 11.24
N PRO A 731 4.80 -18.96 11.37
CA PRO A 731 4.85 -19.86 10.20
C PRO A 731 3.78 -19.55 9.17
N ALA A 732 4.06 -19.89 7.92
CA ALA A 732 3.08 -19.76 6.85
C ALA A 732 1.88 -20.64 7.15
N GLY A 733 0.68 -20.07 6.98
CA GLY A 733 -0.56 -20.79 7.25
C GLY A 733 -1.21 -20.38 8.56
N THR A 734 -0.51 -19.56 9.34
CA THR A 734 -1.04 -19.09 10.61
C THR A 734 -2.34 -18.31 10.40
N THR A 735 -3.40 -18.77 11.08
CA THR A 735 -4.73 -18.21 10.93
C THR A 735 -5.31 -17.75 12.26
N VAL A 736 -5.88 -16.55 12.26
CA VAL A 736 -6.54 -16.00 13.45
C VAL A 736 -7.93 -15.48 13.10
N ASP A 737 -8.94 -16.07 13.71
CA ASP A 737 -10.32 -15.63 13.50
C ASP A 737 -11.06 -15.48 14.83
N THR A 738 -10.30 -15.24 15.90
CA THR A 738 -10.88 -15.05 17.23
C THR A 738 -10.23 -13.90 17.99
N LYS A 739 -10.93 -13.45 19.04
CA LYS A 739 -10.41 -12.48 20.00
C LYS A 739 -10.17 -11.08 19.43
N ILE A 740 -9.30 -10.97 18.42
CA ILE A 740 -8.93 -9.67 17.86
C ILE A 740 -9.73 -9.31 16.61
N THR A 741 -10.54 -10.25 16.14
CA THR A 741 -11.30 -10.04 14.92
C THR A 741 -12.62 -9.33 15.20
N HIS A 742 -13.47 -9.19 14.19
CA HIS A 742 -14.69 -8.40 14.32
C HIS A 742 -15.70 -9.12 15.22
N PRO A 743 -16.41 -8.35 16.08
CA PRO A 743 -17.36 -8.94 17.04
C PRO A 743 -18.55 -9.70 16.44
N THR A 744 -19.01 -9.32 15.25
CA THR A 744 -20.22 -9.91 14.67
C THR A 744 -20.03 -10.40 13.23
N GLU A 745 -19.04 -9.87 12.54
CA GLU A 745 -18.90 -10.11 11.10
C GLU A 745 -17.87 -11.18 10.76
N PHE A 746 -17.87 -11.58 9.50
CA PHE A 746 -17.08 -12.71 9.01
C PHE A 746 -15.72 -12.25 8.50
N ASP A 747 -14.72 -12.26 9.37
CA ASP A 747 -13.37 -11.84 8.99
C ASP A 747 -12.29 -12.66 9.68
N PHE A 748 -11.12 -12.74 9.07
CA PHE A 748 -10.00 -13.47 9.64
C PHE A 748 -8.66 -13.02 9.10
N TYR A 749 -7.61 -13.20 9.90
CA TYR A 749 -6.24 -12.99 9.46
C TYR A 749 -5.66 -14.31 8.95
N LEU A 750 -4.92 -14.25 7.86
CA LEU A 750 -4.24 -15.41 7.32
C LEU A 750 -2.88 -15.02 6.78
N CYS A 751 -1.83 -15.43 7.48
CA CYS A 751 -0.47 -15.23 7.03
C CYS A 751 -0.07 -16.47 6.23
N SER A 752 -0.17 -16.35 4.91
CA SER A 752 -0.04 -17.51 4.04
C SER A 752 1.37 -17.70 3.52
N HIS A 753 2.25 -16.76 3.83
CA HIS A 753 3.60 -16.77 3.27
C HIS A 753 4.67 -16.95 4.32
N ALA A 754 5.83 -17.45 3.89
CA ALA A 754 7.00 -17.51 4.74
C ALA A 754 7.60 -16.12 4.86
N GLY A 755 7.86 -15.69 6.09
CA GLY A 755 8.48 -14.41 6.34
C GLY A 755 9.99 -14.50 6.18
N ILE A 756 10.51 -13.89 5.12
CA ILE A 756 11.95 -13.90 4.88
C ILE A 756 12.65 -12.88 5.77
N GLN A 757 12.19 -11.64 5.70
CA GLN A 757 12.85 -10.53 6.37
C GLN A 757 11.81 -9.62 7.03
N GLY A 758 12.23 -8.91 8.07
CA GLY A 758 11.36 -8.00 8.77
C GLY A 758 10.23 -8.73 9.48
N THR A 759 9.12 -8.04 9.67
CA THR A 759 7.93 -8.62 10.28
C THR A 759 6.86 -8.86 9.21
N SER A 760 6.37 -10.09 9.12
CA SER A 760 5.37 -10.44 8.13
C SER A 760 4.08 -9.65 8.32
N ARG A 761 3.46 -9.26 7.20
CA ARG A 761 2.14 -8.66 7.21
C ARG A 761 1.08 -9.75 7.06
N PRO A 762 0.35 -10.07 8.13
CA PRO A 762 -0.70 -11.07 7.97
C PRO A 762 -1.89 -10.49 7.21
N SER A 763 -2.16 -11.01 6.02
CA SER A 763 -3.27 -10.51 5.21
C SER A 763 -4.59 -10.69 5.96
N HIS A 764 -5.42 -9.65 5.93
CA HIS A 764 -6.73 -9.69 6.54
C HIS A 764 -7.82 -9.84 5.47
N TYR A 765 -8.76 -10.76 5.72
CA TYR A 765 -9.85 -11.01 4.80
C TYR A 765 -11.18 -10.72 5.47
N HIS A 766 -12.02 -9.94 4.79
CA HIS A 766 -13.31 -9.54 5.32
C HIS A 766 -14.41 -9.87 4.30
N VAL A 767 -15.33 -10.73 4.70
CA VAL A 767 -16.41 -11.16 3.80
C VAL A 767 -17.59 -10.19 3.86
N LEU A 768 -17.76 -9.39 2.80
CA LEU A 768 -18.80 -8.39 2.76
C LEU A 768 -20.13 -8.95 2.23
N TRP A 769 -20.05 -10.08 1.55
CA TRP A 769 -21.24 -10.73 1.00
C TRP A 769 -20.93 -12.18 0.68
N ASP A 770 -21.89 -13.07 0.93
CA ASP A 770 -21.67 -14.50 0.70
C ASP A 770 -22.98 -15.25 0.48
N ASP A 771 -23.42 -15.32 -0.77
CA ASP A 771 -24.60 -16.09 -1.14
C ASP A 771 -24.36 -17.59 -0.96
N ASN A 772 -23.08 -17.97 -0.93
CA ASN A 772 -22.71 -19.38 -0.94
C ASN A 772 -22.62 -20.00 0.46
N ARG A 773 -22.73 -19.16 1.48
CA ARG A 773 -22.76 -19.64 2.87
C ARG A 773 -21.55 -20.49 3.23
N PHE A 774 -20.35 -19.97 2.96
CA PHE A 774 -19.13 -20.64 3.37
C PHE A 774 -19.06 -20.78 4.88
N SER A 775 -18.49 -21.89 5.34
CA SER A 775 -18.08 -22.02 6.73
C SER A 775 -16.71 -21.36 6.86
N SER A 776 -16.34 -20.98 8.08
CA SER A 776 -15.03 -20.40 8.33
C SER A 776 -13.91 -21.32 7.83
N ASP A 777 -14.05 -22.62 8.07
CA ASP A 777 -13.02 -23.57 7.69
C ASP A 777 -12.83 -23.63 6.17
N GLU A 778 -13.93 -23.75 5.43
CA GLU A 778 -13.82 -23.91 3.98
C GLU A 778 -13.23 -22.66 3.32
N LEU A 779 -13.70 -21.49 3.72
CA LEU A 779 -13.23 -20.25 3.09
C LEU A 779 -11.78 -19.95 3.44
N GLN A 780 -11.37 -20.29 4.65
CA GLN A 780 -10.00 -20.05 5.09
C GLN A 780 -9.04 -21.00 4.38
N ILE A 781 -9.46 -22.25 4.19
CA ILE A 781 -8.66 -23.24 3.49
C ILE A 781 -8.61 -22.90 2.00
N LEU A 782 -9.77 -22.53 1.45
CA LEU A 782 -9.86 -22.12 0.05
C LEU A 782 -8.89 -20.97 -0.21
N THR A 783 -8.98 -19.92 0.61
CA THR A 783 -8.13 -18.76 0.48
C THR A 783 -6.66 -19.14 0.56
N TYR A 784 -6.34 -20.00 1.52
CA TYR A 784 -4.96 -20.45 1.70
C TYR A 784 -4.47 -21.23 0.49
N GLN A 785 -5.31 -22.11 -0.04
CA GLN A 785 -4.91 -22.93 -1.18
C GLN A 785 -4.70 -22.07 -2.42
N LEU A 786 -5.47 -20.99 -2.56
CA LEU A 786 -5.32 -20.11 -3.71
C LEU A 786 -4.00 -19.35 -3.66
N CYS A 787 -3.39 -19.28 -2.48
CA CYS A 787 -2.08 -18.66 -2.34
C CYS A 787 -0.97 -19.59 -2.86
N HIS A 788 -1.34 -20.82 -3.18
CA HIS A 788 -0.39 -21.83 -3.66
C HIS A 788 -0.48 -22.01 -5.18
N THR A 789 -1.35 -21.24 -5.82
CA THR A 789 -1.57 -21.35 -7.27
C THR A 789 -0.92 -20.21 -8.05
N TYR A 790 0.01 -19.52 -7.40
CA TYR A 790 0.71 -18.40 -8.02
C TYR A 790 1.86 -18.94 -8.87
N VAL A 791 1.76 -18.75 -10.18
CA VAL A 791 2.63 -19.46 -11.13
C VAL A 791 4.08 -18.97 -11.20
N ARG A 792 4.35 -17.76 -10.71
CA ARG A 792 5.68 -17.17 -10.89
C ARG A 792 6.72 -17.68 -9.89
N CYS A 793 6.31 -18.56 -8.98
CA CYS A 793 7.23 -19.12 -8.01
C CYS A 793 6.65 -20.33 -7.30
N THR A 794 7.53 -21.20 -6.82
CA THR A 794 7.13 -22.38 -6.07
C THR A 794 7.06 -22.06 -4.58
N ARG A 795 6.30 -21.01 -4.26
CA ARG A 795 6.11 -20.59 -2.89
C ARG A 795 4.65 -20.21 -2.65
N SER A 796 4.24 -20.23 -1.40
CA SER A 796 2.96 -19.67 -1.00
C SER A 796 3.11 -18.17 -0.85
N VAL A 797 2.27 -17.40 -1.54
CA VAL A 797 2.38 -15.95 -1.54
C VAL A 797 1.41 -15.34 -0.52
N SER A 798 1.58 -14.05 -0.26
CA SER A 798 0.89 -13.38 0.84
C SER A 798 -0.60 -13.11 0.57
N ILE A 799 -0.99 -13.07 -0.69
CA ILE A 799 -2.40 -12.91 -1.06
C ILE A 799 -2.75 -13.90 -2.18
N PRO A 800 -4.05 -14.25 -2.31
CA PRO A 800 -4.47 -15.20 -3.34
C PRO A 800 -3.99 -14.83 -4.74
N ALA A 801 -3.68 -15.83 -5.55
CA ALA A 801 -3.17 -15.64 -6.90
C ALA A 801 -4.02 -14.65 -7.71
N PRO A 802 -5.34 -14.82 -7.73
CA PRO A 802 -6.15 -13.88 -8.52
C PRO A 802 -5.95 -12.41 -8.14
N ALA A 803 -5.87 -12.14 -6.84
CA ALA A 803 -5.63 -10.78 -6.36
C ALA A 803 -4.22 -10.32 -6.73
N TYR A 804 -3.28 -11.25 -6.70
CA TYR A 804 -1.88 -10.91 -7.01
C TYR A 804 -1.76 -10.58 -8.49
N TYR A 805 -2.39 -11.39 -9.34
CA TYR A 805 -2.39 -11.15 -10.78
C TYR A 805 -3.00 -9.79 -11.09
N ALA A 806 -4.02 -9.42 -10.32
CA ALA A 806 -4.68 -8.13 -10.51
C ALA A 806 -3.67 -7.00 -10.34
N HIS A 807 -2.78 -7.13 -9.37
CA HIS A 807 -1.74 -6.14 -9.16
C HIS A 807 -0.82 -6.09 -10.38
N LEU A 808 -0.43 -7.26 -10.86
CA LEU A 808 0.49 -7.35 -11.99
C LEU A 808 -0.12 -6.72 -13.24
N VAL A 809 -1.41 -6.96 -13.46
CA VAL A 809 -2.12 -6.39 -14.60
C VAL A 809 -2.17 -4.86 -14.50
N ALA A 810 -2.52 -4.36 -13.32
CA ALA A 810 -2.58 -2.92 -13.09
C ALA A 810 -1.22 -2.28 -13.33
N PHE A 811 -0.17 -2.91 -12.84
CA PHE A 811 1.18 -2.37 -12.96
C PHE A 811 1.67 -2.43 -14.39
N ARG A 812 1.16 -3.37 -15.18
CA ARG A 812 1.52 -3.48 -16.59
C ARG A 812 0.87 -2.36 -17.37
N ALA A 813 -0.41 -2.11 -17.09
CA ALA A 813 -1.13 -0.99 -17.68
C ALA A 813 -0.41 0.32 -17.39
N ARG A 814 0.09 0.45 -16.17
CA ARG A 814 0.83 1.64 -15.78
C ARG A 814 2.09 1.80 -16.63
N TYR A 815 2.68 0.67 -17.02
CA TYR A 815 3.86 0.69 -17.88
C TYR A 815 3.52 1.07 -19.32
N HIS A 816 2.33 0.70 -19.77
CA HIS A 816 1.85 1.09 -21.09
C HIS A 816 1.54 2.59 -21.15
N LEU A 817 1.39 3.20 -19.97
CA LEU A 817 0.96 4.58 -19.87
C LEU A 817 2.11 5.55 -19.55
N VAL A 818 3.33 5.03 -19.46
CA VAL A 818 4.47 5.86 -19.08
C VAL A 818 4.63 7.06 -20.02
N ASP A 819 4.62 8.25 -19.41
CA ASP A 819 4.77 9.52 -20.13
C ASP A 819 3.59 9.84 -21.05
N LYS A 820 2.54 9.01 -21.00
CA LYS A 820 1.32 9.26 -21.74
C LYS A 820 0.22 9.79 -20.82
N GLU A 821 0.47 9.70 -19.51
CA GLU A 821 -0.48 10.14 -18.51
C GLU A 821 -0.06 11.49 -17.92
N GLY A 836 -12.81 13.13 -21.62
CA GLY A 836 -13.50 12.42 -22.69
C GLY A 836 -12.56 12.09 -23.83
N ARG A 837 -11.90 13.11 -24.36
CA ARG A 837 -10.90 12.92 -25.41
C ARG A 837 -9.59 12.48 -24.76
N ASP A 838 -9.36 12.94 -23.53
CA ASP A 838 -8.24 12.49 -22.73
C ASP A 838 -8.40 11.03 -22.34
N HIS A 839 -9.59 10.69 -21.86
CA HIS A 839 -9.89 9.35 -21.38
C HIS A 839 -9.69 8.29 -22.46
N GLN A 840 -10.15 8.57 -23.67
CA GLN A 840 -10.08 7.59 -24.76
C GLN A 840 -8.64 7.35 -25.21
N ALA A 841 -7.79 8.35 -25.08
CA ALA A 841 -6.38 8.20 -25.44
C ALA A 841 -5.70 7.23 -24.49
N LEU A 842 -5.95 7.41 -23.20
CA LEU A 842 -5.35 6.56 -22.18
C LEU A 842 -5.95 5.16 -22.23
N ALA A 843 -7.25 5.09 -22.51
CA ALA A 843 -7.95 3.81 -22.60
C ALA A 843 -7.34 2.92 -23.68
N LYS A 844 -7.03 3.50 -24.84
CA LYS A 844 -6.45 2.74 -25.94
C LYS A 844 -5.04 2.27 -25.61
N ALA A 845 -4.32 3.05 -24.80
CA ALA A 845 -2.96 2.72 -24.42
C ALA A 845 -2.89 1.44 -23.59
N VAL A 846 -3.89 1.22 -22.75
CA VAL A 846 -3.93 0.03 -21.89
C VAL A 846 -4.74 -1.12 -22.50
N GLN A 847 -5.26 -0.89 -23.70
CA GLN A 847 -5.97 -1.93 -24.42
C GLN A 847 -4.97 -2.83 -25.15
N VAL A 848 -4.95 -4.11 -24.79
CA VAL A 848 -4.02 -5.05 -25.40
C VAL A 848 -4.56 -5.58 -26.72
N HIS A 849 -3.65 -6.12 -27.54
CA HIS A 849 -3.98 -6.67 -28.84
C HIS A 849 -5.03 -7.78 -28.71
N GLN A 850 -5.69 -8.10 -29.81
CA GLN A 850 -6.70 -9.16 -29.83
C GLN A 850 -6.11 -10.51 -29.42
N ASP A 851 -4.89 -10.77 -29.89
CA ASP A 851 -4.20 -12.04 -29.63
C ASP A 851 -3.64 -12.12 -28.21
N THR A 852 -3.58 -10.97 -27.54
CA THR A 852 -3.08 -10.89 -26.17
C THR A 852 -4.21 -11.01 -25.13
N LEU A 853 -5.44 -10.74 -25.57
CA LEU A 853 -6.60 -10.69 -24.68
C LEU A 853 -6.76 -11.93 -23.78
N ARG A 854 -6.52 -13.11 -24.35
CA ARG A 854 -6.77 -14.37 -23.65
C ARG A 854 -5.50 -14.99 -23.07
N THR A 855 -4.41 -14.22 -23.06
CA THR A 855 -3.12 -14.70 -22.60
C THR A 855 -2.82 -14.24 -21.18
N MET A 856 -1.76 -14.79 -20.59
CA MET A 856 -1.26 -14.33 -19.30
C MET A 856 0.01 -13.52 -19.53
N TYR A 857 -0.11 -12.50 -20.36
CA TYR A 857 0.97 -11.58 -20.70
C TYR A 857 1.56 -10.89 -19.47
N PHE A 858 0.77 -10.82 -18.40
CA PHE A 858 1.14 -10.06 -17.21
C PHE A 858 2.10 -10.83 -16.33
N ALA A 859 2.30 -12.12 -16.62
CA ALA A 859 3.21 -12.95 -15.85
C ALA A 859 4.63 -12.41 -15.91
#